data_3HE6
#
_entry.id   3HE6
#
_cell.length_a   61.113
_cell.length_b   81.506
_cell.length_c   233.451
_cell.angle_alpha   90.00
_cell.angle_beta   90.00
_cell.angle_gamma   90.00
#
_symmetry.space_group_name_H-M   'P 21 21 21'
#
loop_
_entity.id
_entity.type
_entity.pdbx_description
1 polymer 'Antigen-presenting glycoprotein CD1d1'
2 polymer Beta-2-microglobulin
3 polymer 'Valpha14(mouse variable domain, human constant domain)'
4 polymer 'Vbeta8.2(mouse variable domain, human constant domain)'
5 branched 2-acetamido-2-deoxy-beta-D-glucopyranose-(1-4)-2-acetamido-2-deoxy-beta-D-glucopyranose
6 non-polymer 2-acetamido-2-deoxy-beta-D-glucopyranose
7 non-polymer N-{(1S,2R,3S)-1-[(ALPHA-D-GALACTOPYRANOSYLOXY)METHYL]-2,3-DIHYDROXYHEPTADECYL}HEXACOSANAMIDE
8 water water
#
loop_
_entity_poly.entity_id
_entity_poly.type
_entity_poly.pdbx_seq_one_letter_code
_entity_poly.pdbx_strand_id
1 'polypeptide(L)'
;SEAQQKNYTFRCLQMSSFANRSWSRTDSVVWLGDLQTHRWSNDSATISFTKPWSQGKLSNQQWEKLQHMFQVYRVSFTRD
IQELVKMMSPKEDYPIEIQLSAGCEMYPGNASESFLHVAFQGKYVVRFWGTSWQTVPGAPSWLDLPIKVLNADQGTSATV
QMLLNDTCPLFVRGLLEAGKSDLEKQEKPVAWLSSVPSSAHGHRQLVCHVSGFYPKPVWVMWMRGDQEQQGTHRGDFLPN
ADETWYLQATLDVEAGEEAGLACRVKHSSLGGQDIILYWGSLHHILDAQKMVWNHRHHHHHH
;
A
2 'polypeptide(L)'
;IQKTPQIQVYSRHPPENGKPNILNCYVTQFHPPHIEIQMLKNGKKIPKVEMSDMSFSKDWSFYILAHTEFTPTETDTYAC
RVKHASMAEPKTVYWDRDM
;
B
3 'polypeptide(L)'
;TQVEQSPQSLVVRQGENSVLQCNYSVTPDNHLRWFKQDTGKGLVSLTVLVDQKDKTSNGRYSATLDKDAKHSTLHITATL
LDDTATYICVVGDRGSALGRLHFGAGTQLIVIPDIQNPDPAVYQLRDSKSSDKSVCLFTDFDSQTNVSQSKDSDVYITDK
CVLDMRSMDFKSNSAVAWSNKSDFACANAFNNSIIPEDTFFPSPESS
;
C
4 'polypeptide(L)'
;EAAVTQSPRNKVAVTGGKVTLSCNQTNNHNNMYWYRQDTGHGLRLIHYSYGAGSTEKGDIPDGYKASRPSQENFSLILEL
ATPSQTSVYFCASGDAGGNYAEQFFGPGTRLTVLEDLKNVFPPEVAVFEPSEAEISHTQKATLVCLATGFYPDHVELSWW
VNGKEVHSGVCTDPQPLKEQPALNDSRYALSSRLRVSATFWQNPRNHFRCQVQFYGLSENDEWTQDRAKPVTQIVSAEAW
GRAD
;
D
#
loop_
_chem_comp.id
_chem_comp.type
_chem_comp.name
_chem_comp.formula
AGH D-saccharide N-{(1S,2R,3S)-1-[(ALPHA-D-GALACTOPYRANOSYLOXY)METHYL]-2,3-DIHYDROXYHEPTADECYL}HEXACOSANAMIDE 'C50 H99 N O9'
NAG D-saccharide, beta linking 2-acetamido-2-deoxy-beta-D-glucopyranose 'C8 H15 N O6'
#
# COMPACT_ATOMS: atom_id res chain seq x y z
N TYR A 8 -33.51 -8.87 -19.09
CA TYR A 8 -32.05 -9.16 -19.30
C TYR A 8 -31.19 -8.77 -18.11
N THR A 9 -30.53 -9.75 -17.51
CA THR A 9 -29.65 -9.52 -16.36
C THR A 9 -28.17 -9.48 -16.78
N PHE A 10 -27.52 -8.36 -16.47
CA PHE A 10 -26.09 -8.17 -16.75
C PHE A 10 -25.26 -8.36 -15.48
N ARG A 11 -24.35 -9.32 -15.50
CA ARG A 11 -23.51 -9.59 -14.32
C ARG A 11 -22.01 -9.68 -14.63
N CYS A 12 -21.22 -8.90 -13.89
CA CYS A 12 -19.78 -9.03 -13.84
C CYS A 12 -19.44 -9.95 -12.67
N LEU A 13 -18.68 -11.00 -12.96
CA LEU A 13 -18.41 -12.04 -11.98
C LEU A 13 -16.92 -12.18 -11.74
N GLN A 14 -16.51 -11.99 -10.48
CA GLN A 14 -15.10 -12.02 -10.08
C GLN A 14 -14.76 -13.19 -9.19
N MET A 15 -13.70 -13.90 -9.57
CA MET A 15 -13.17 -15.02 -8.80
C MET A 15 -11.76 -14.71 -8.32
N SER A 16 -11.57 -14.66 -7.01
CA SER A 16 -10.26 -14.35 -6.46
C SER A 16 -9.82 -15.41 -5.47
N SER A 17 -8.66 -16.01 -5.72
CA SER A 17 -8.14 -17.06 -4.86
C SER A 17 -6.86 -16.64 -4.13
N PHE A 18 -6.84 -16.87 -2.82
CA PHE A 18 -5.69 -16.54 -1.97
C PHE A 18 -5.19 -17.79 -1.24
N ALA A 19 -4.07 -18.33 -1.71
CA ALA A 19 -3.54 -19.59 -1.20
C ALA A 19 -2.75 -19.39 0.09
N ASN A 20 -1.95 -18.34 0.11
CA ASN A 20 -1.15 -17.98 1.27
C ASN A 20 -0.82 -16.50 1.25
N ARG A 21 0.17 -16.11 2.04
CA ARG A 21 0.59 -14.72 2.14
C ARG A 21 1.06 -14.13 0.79
N SER A 22 1.77 -14.93 0.00
CA SER A 22 2.45 -14.43 -1.19
C SER A 22 1.85 -14.84 -2.54
N TRP A 23 1.11 -15.95 -2.58
CA TRP A 23 0.48 -16.41 -3.83
C TRP A 23 -1.01 -16.12 -3.87
N SER A 24 -1.45 -15.44 -4.94
CA SER A 24 -2.87 -15.23 -5.24
C SER A 24 -3.12 -14.95 -6.72
N ARG A 25 -4.33 -15.23 -7.18
CA ARG A 25 -4.73 -14.87 -8.52
C ARG A 25 -6.20 -14.47 -8.53
N THR A 26 -6.53 -13.59 -9.47
CA THR A 26 -7.93 -13.19 -9.66
C THR A 26 -8.33 -13.17 -11.14
N ASP A 27 -9.48 -13.79 -11.41
CA ASP A 27 -10.03 -13.99 -12.76
C ASP A 27 -11.49 -13.59 -12.76
N SER A 28 -11.95 -12.98 -13.85
CA SER A 28 -13.37 -12.64 -13.95
C SER A 28 -13.90 -12.76 -15.37
N VAL A 29 -15.22 -12.84 -15.49
CA VAL A 29 -15.96 -12.97 -16.75
C VAL A 29 -17.25 -12.14 -16.68
N VAL A 30 -17.76 -11.71 -17.83
CA VAL A 30 -18.97 -10.87 -17.85
C VAL A 30 -20.09 -11.48 -18.71
N TRP A 31 -21.28 -11.59 -18.13
CA TRP A 31 -22.45 -12.16 -18.82
C TRP A 31 -23.58 -11.16 -19.01
N LEU A 32 -23.98 -10.93 -20.26
CA LEU A 32 -25.26 -10.25 -20.53
C LEU A 32 -26.29 -11.29 -20.95
N GLY A 33 -27.31 -11.48 -20.12
CA GLY A 33 -28.20 -12.63 -20.28
C GLY A 33 -27.39 -13.88 -20.05
N ASP A 34 -27.44 -14.80 -21.02
CA ASP A 34 -26.65 -16.03 -20.97
C ASP A 34 -25.50 -15.98 -21.98
N LEU A 35 -25.17 -14.79 -22.44
CA LEU A 35 -24.07 -14.59 -23.39
C LEU A 35 -22.85 -13.97 -22.72
N GLN A 36 -21.69 -14.55 -22.96
CA GLN A 36 -20.44 -14.07 -22.41
C GLN A 36 -19.91 -12.91 -23.25
N THR A 37 -19.73 -11.75 -22.62
CA THR A 37 -19.27 -10.55 -23.33
C THR A 37 -17.81 -10.21 -23.10
N HIS A 38 -17.32 -10.43 -21.89
CA HIS A 38 -15.92 -10.16 -21.58
C HIS A 38 -15.29 -11.30 -20.80
N ARG A 39 -13.96 -11.35 -20.84
CA ARG A 39 -13.16 -12.20 -19.96
C ARG A 39 -11.92 -11.43 -19.56
N TRP A 40 -11.48 -11.60 -18.32
CA TRP A 40 -10.26 -10.96 -17.83
C TRP A 40 -9.47 -11.89 -16.91
N SER A 41 -8.38 -12.42 -17.47
CA SER A 41 -7.54 -13.39 -16.78
C SER A 41 -6.40 -12.71 -16.01
N ASN A 42 -6.01 -13.32 -14.87
CA ASN A 42 -4.86 -12.83 -14.09
C ASN A 42 -3.60 -12.73 -14.95
N ASP A 43 -3.42 -13.71 -15.83
CA ASP A 43 -2.28 -13.75 -16.76
C ASP A 43 -2.21 -12.48 -17.63
N SER A 44 -3.33 -11.79 -17.75
CA SER A 44 -3.51 -10.70 -18.72
C SER A 44 -3.56 -9.30 -18.10
N ALA A 45 -3.03 -8.33 -18.84
CA ALA A 45 -3.07 -6.93 -18.42
C ALA A 45 -4.45 -6.30 -18.63
N THR A 46 -5.08 -6.64 -19.75
CA THR A 46 -6.31 -5.97 -20.21
C THR A 46 -7.54 -6.87 -20.23
N ILE A 47 -8.72 -6.25 -20.26
CA ILE A 47 -9.99 -6.95 -20.44
C ILE A 47 -10.19 -7.33 -21.93
N SER A 48 -10.50 -8.61 -22.17
CA SER A 48 -10.77 -9.14 -23.53
C SER A 48 -12.25 -9.18 -23.84
N PHE A 49 -12.61 -8.76 -25.05
CA PHE A 49 -13.98 -8.91 -25.55
C PHE A 49 -14.18 -10.35 -26.03
N THR A 50 -15.37 -10.91 -25.82
CA THR A 50 -15.70 -12.21 -26.42
C THR A 50 -16.83 -12.07 -27.46
N LYS A 51 -17.33 -10.85 -27.63
CA LYS A 51 -18.19 -10.49 -28.76
C LYS A 51 -17.61 -9.29 -29.52
N PRO A 52 -17.85 -9.23 -30.86
CA PRO A 52 -17.41 -8.05 -31.62
C PRO A 52 -18.04 -6.73 -31.15
N TRP A 53 -19.14 -6.81 -30.41
CA TRP A 53 -19.90 -5.63 -29.97
C TRP A 53 -19.82 -5.38 -28.46
N SER A 54 -18.92 -6.10 -27.78
CA SER A 54 -18.76 -6.02 -26.33
C SER A 54 -18.48 -4.62 -25.77
N GLN A 55 -17.99 -3.70 -26.60
CA GLN A 55 -17.74 -2.32 -26.19
C GLN A 55 -19.04 -1.50 -26.10
N GLY A 56 -20.11 -2.01 -26.70
CA GLY A 56 -21.42 -1.36 -26.62
C GLY A 56 -21.52 -0.14 -27.50
N LYS A 57 -21.68 1.02 -26.88
CA LYS A 57 -21.72 2.29 -27.60
C LYS A 57 -20.71 3.29 -27.05
N LEU A 58 -19.85 2.82 -26.16
CA LEU A 58 -18.75 3.62 -25.62
C LEU A 58 -17.68 3.79 -26.68
N SER A 59 -16.93 4.89 -26.59
CA SER A 59 -15.87 5.18 -27.56
C SER A 59 -14.51 4.73 -27.05
N ASN A 60 -13.57 4.55 -27.97
CA ASN A 60 -12.22 4.07 -27.67
C ASN A 60 -11.56 4.78 -26.50
N GLN A 61 -11.96 6.03 -26.28
CA GLN A 61 -11.48 6.81 -25.14
C GLN A 61 -12.23 6.38 -23.88
N GLN A 62 -13.56 6.42 -23.92
CA GLN A 62 -14.41 6.11 -22.77
C GLN A 62 -14.09 4.78 -22.11
N TRP A 63 -13.92 3.75 -22.97
CA TRP A 63 -13.62 2.40 -22.52
C TRP A 63 -12.24 2.31 -21.85
N GLU A 64 -11.23 2.95 -22.47
CA GLU A 64 -9.88 2.98 -21.91
C GLU A 64 -9.84 3.51 -20.48
N LYS A 65 -10.62 4.56 -20.23
CA LYS A 65 -10.74 5.16 -18.91
C LYS A 65 -11.38 4.17 -17.94
N LEU A 66 -12.44 3.51 -18.40
CA LEU A 66 -13.16 2.54 -17.58
C LEU A 66 -12.30 1.31 -17.32
N GLN A 67 -11.45 0.99 -18.29
CA GLN A 67 -10.54 -0.14 -18.19
C GLN A 67 -9.47 0.11 -17.14
N HIS A 68 -8.82 1.27 -17.26
CA HIS A 68 -7.77 1.67 -16.32
C HIS A 68 -8.32 1.68 -14.90
N MET A 69 -9.53 2.21 -14.76
CA MET A 69 -10.28 2.21 -13.52
C MET A 69 -10.30 0.80 -12.93
N PHE A 70 -10.64 -0.19 -13.76
CA PHE A 70 -10.63 -1.59 -13.32
C PHE A 70 -9.23 -2.14 -13.04
N GLN A 71 -8.27 -1.80 -13.91
CA GLN A 71 -6.87 -2.21 -13.78
C GLN A 71 -6.25 -1.86 -12.43
N VAL A 72 -6.51 -0.65 -11.96
CA VAL A 72 -6.07 -0.23 -10.63
C VAL A 72 -6.82 -1.02 -9.56
N TYR A 73 -8.14 -1.09 -9.68
CA TYR A 73 -8.97 -1.87 -8.76
C TYR A 73 -8.38 -3.26 -8.45
N ARG A 74 -8.13 -4.04 -9.50
CA ARG A 74 -7.66 -5.41 -9.36
C ARG A 74 -6.36 -5.50 -8.54
N VAL A 75 -5.44 -4.59 -8.78
CA VAL A 75 -4.23 -4.54 -7.99
C VAL A 75 -4.60 -4.16 -6.56
N SER A 76 -5.46 -3.15 -6.43
CA SER A 76 -5.85 -2.62 -5.12
C SER A 76 -6.61 -3.62 -4.25
N PHE A 77 -7.59 -4.31 -4.86
CA PHE A 77 -8.41 -5.31 -4.18
C PHE A 77 -7.53 -6.40 -3.57
N THR A 78 -6.47 -6.73 -4.31
CA THR A 78 -5.54 -7.78 -3.94
C THR A 78 -4.78 -7.45 -2.66
N ARG A 79 -4.15 -6.28 -2.61
CA ARG A 79 -3.36 -5.88 -1.45
C ARG A 79 -4.26 -5.66 -0.23
N ASP A 80 -5.46 -5.15 -0.48
CA ASP A 80 -6.44 -4.87 0.58
C ASP A 80 -6.76 -6.13 1.37
N ILE A 81 -7.04 -7.20 0.65
CA ILE A 81 -7.51 -8.42 1.27
C ILE A 81 -6.38 -9.06 2.05
N GLN A 82 -5.18 -9.00 1.49
CA GLN A 82 -4.01 -9.51 2.17
C GLN A 82 -3.80 -8.76 3.48
N GLU A 83 -4.03 -7.45 3.43
CA GLU A 83 -3.94 -6.61 4.61
C GLU A 83 -5.10 -6.86 5.60
N LEU A 84 -6.33 -6.96 5.08
CA LEU A 84 -7.48 -7.33 5.92
C LEU A 84 -7.24 -8.62 6.69
N VAL A 85 -6.59 -9.59 6.05
CA VAL A 85 -6.25 -10.84 6.69
C VAL A 85 -5.23 -10.66 7.83
N LYS A 86 -4.26 -9.77 7.65
CA LYS A 86 -3.28 -9.48 8.70
C LYS A 86 -3.96 -8.83 9.90
N MET A 87 -5.05 -8.13 9.62
CA MET A 87 -5.85 -7.44 10.61
C MET A 87 -6.75 -8.44 11.35
N MET A 88 -7.43 -9.30 10.59
CA MET A 88 -8.32 -10.30 11.17
C MET A 88 -7.61 -11.64 11.39
N SER A 89 -6.86 -11.71 12.49
CA SER A 89 -6.09 -12.90 12.85
C SER A 89 -6.95 -13.95 13.55
N TYR A 94 -5.96 -18.36 5.65
CA TYR A 94 -5.54 -18.94 4.38
C TYR A 94 -5.70 -20.47 4.39
N PRO A 95 -6.15 -21.06 3.27
CA PRO A 95 -6.55 -20.47 1.99
C PRO A 95 -7.87 -19.69 2.05
N ILE A 96 -8.00 -18.67 1.21
CA ILE A 96 -9.16 -17.78 1.18
C ILE A 96 -9.67 -17.67 -0.25
N GLU A 97 -10.98 -17.79 -0.42
CA GLU A 97 -11.63 -17.55 -1.71
C GLU A 97 -12.60 -16.39 -1.59
N ILE A 98 -12.50 -15.44 -2.51
CA ILE A 98 -13.49 -14.36 -2.58
C ILE A 98 -14.23 -14.37 -3.91
N GLN A 99 -15.53 -14.10 -3.84
CA GLN A 99 -16.37 -14.05 -5.01
C GLN A 99 -17.17 -12.77 -4.97
N LEU A 100 -17.21 -12.10 -6.11
CA LEU A 100 -17.82 -10.80 -6.20
C LEU A 100 -18.70 -10.77 -7.45
N SER A 101 -19.97 -10.42 -7.26
CA SER A 101 -20.91 -10.35 -8.36
C SER A 101 -21.54 -8.98 -8.40
N ALA A 102 -21.40 -8.30 -9.52
CA ALA A 102 -21.89 -6.94 -9.65
C ALA A 102 -22.49 -6.69 -11.02
N GLY A 103 -23.55 -5.90 -11.04
CA GLY A 103 -24.19 -5.52 -12.31
C GLY A 103 -25.53 -4.87 -12.12
N CYS A 104 -26.41 -5.06 -13.09
CA CYS A 104 -27.76 -4.53 -13.02
C CYS A 104 -28.71 -5.34 -13.86
N GLU A 105 -29.93 -5.51 -13.35
CA GLU A 105 -30.98 -6.20 -14.08
C GLU A 105 -31.88 -5.17 -14.76
N MET A 106 -31.84 -5.12 -16.08
CA MET A 106 -32.56 -4.12 -16.88
C MET A 106 -34.04 -4.42 -17.01
N TYR A 107 -34.88 -3.48 -16.56
CA TYR A 107 -36.33 -3.57 -16.72
C TYR A 107 -36.77 -2.80 -17.97
N PRO A 108 -37.97 -3.10 -18.49
CA PRO A 108 -38.53 -2.24 -19.54
C PRO A 108 -39.03 -0.91 -18.96
N GLY A 109 -38.15 0.08 -18.93
CA GLY A 109 -38.47 1.40 -18.39
C GLY A 109 -37.88 2.53 -19.20
N ALA A 111 -35.71 2.34 -16.65
CA ALA A 111 -35.68 1.84 -15.28
C ALA A 111 -34.77 0.62 -15.14
N SER A 112 -34.17 0.48 -13.95
CA SER A 112 -33.43 -0.73 -13.56
C SER A 112 -33.13 -0.77 -12.06
N GLU A 113 -32.19 -1.62 -11.66
CA GLU A 113 -31.74 -1.78 -10.29
C GLU A 113 -30.37 -2.41 -10.28
N SER A 114 -29.57 -2.11 -9.27
CA SER A 114 -28.19 -2.60 -9.22
C SER A 114 -27.88 -3.50 -8.04
N PHE A 115 -26.71 -4.13 -8.11
CA PHE A 115 -26.23 -5.03 -7.07
C PHE A 115 -24.71 -5.13 -7.12
N LEU A 116 -24.11 -5.22 -5.94
CA LEU A 116 -22.72 -5.64 -5.80
C LEU A 116 -22.65 -6.56 -4.58
N HIS A 117 -22.76 -7.86 -4.84
CA HIS A 117 -22.66 -8.87 -3.78
C HIS A 117 -21.27 -9.49 -3.68
N VAL A 118 -20.83 -9.69 -2.44
CA VAL A 118 -19.54 -10.30 -2.16
C VAL A 118 -19.74 -11.55 -1.33
N ALA A 119 -19.05 -12.62 -1.74
CA ALA A 119 -19.08 -13.88 -1.02
C ALA A 119 -17.69 -14.29 -0.52
N PHE A 120 -17.66 -14.91 0.65
CA PHE A 120 -16.41 -15.28 1.33
C PHE A 120 -16.44 -16.76 1.73
N GLN A 121 -15.40 -17.50 1.32
CA GLN A 121 -15.38 -18.96 1.43
C GLN A 121 -16.75 -19.53 1.07
N GLY A 122 -17.28 -19.11 -0.08
CA GLY A 122 -18.53 -19.67 -0.59
C GLY A 122 -19.83 -19.10 -0.05
N LYS A 123 -19.79 -18.38 1.06
CA LYS A 123 -21.02 -17.83 1.65
C LYS A 123 -21.20 -16.35 1.29
N TYR A 124 -22.45 -15.92 1.19
CA TYR A 124 -22.79 -14.53 0.87
C TYR A 124 -22.71 -13.68 2.13
N VAL A 125 -21.76 -12.75 2.18
CA VAL A 125 -21.51 -12.00 3.43
C VAL A 125 -21.72 -10.48 3.38
N VAL A 126 -21.28 -9.85 2.29
CA VAL A 126 -21.31 -8.39 2.17
C VAL A 126 -22.05 -7.92 0.90
N ARG A 127 -22.78 -6.82 0.99
CA ARG A 127 -23.32 -6.13 -0.19
C ARG A 127 -22.91 -4.65 -0.16
N PHE A 128 -22.82 -4.02 -1.33
CA PHE A 128 -22.78 -2.57 -1.40
C PHE A 128 -24.22 -2.03 -1.57
N TRP A 129 -24.68 -1.27 -0.57
CA TRP A 129 -26.05 -0.78 -0.55
C TRP A 129 -26.04 0.68 -0.13
N GLY A 130 -26.65 1.52 -0.96
CA GLY A 130 -26.72 2.95 -0.68
C GLY A 130 -25.41 3.66 -0.98
N THR A 131 -24.72 4.05 0.09
CA THR A 131 -23.42 4.71 -0.06
C THR A 131 -22.25 3.97 0.61
N SER A 132 -22.45 2.70 0.99
CA SER A 132 -21.40 1.96 1.71
C SER A 132 -21.56 0.44 1.69
N TRP A 133 -20.51 -0.25 2.14
CA TRP A 133 -20.54 -1.68 2.41
C TRP A 133 -21.34 -1.95 3.67
N GLN A 134 -22.09 -3.05 3.67
CA GLN A 134 -22.76 -3.53 4.87
C GLN A 134 -22.75 -5.05 4.91
N THR A 135 -22.74 -5.62 6.11
CA THR A 135 -22.81 -7.07 6.25
C THR A 135 -24.25 -7.52 6.16
N VAL A 136 -24.46 -8.59 5.41
CA VAL A 136 -25.78 -9.18 5.19
C VAL A 136 -26.27 -9.85 6.47
N PRO A 137 -27.59 -9.77 6.77
CA PRO A 137 -28.14 -10.40 7.97
C PRO A 137 -27.68 -11.86 8.15
N GLY A 138 -27.28 -12.20 9.38
CA GLY A 138 -26.76 -13.53 9.70
C GLY A 138 -25.29 -13.73 9.39
N ALA A 139 -24.58 -12.65 9.06
CA ALA A 139 -23.15 -12.71 8.75
C ALA A 139 -22.32 -12.85 10.03
N PRO A 140 -21.06 -13.30 9.89
CA PRO A 140 -20.19 -13.45 11.06
C PRO A 140 -19.79 -12.09 11.62
N SER A 141 -19.59 -12.03 12.94
CA SER A 141 -19.35 -10.76 13.60
C SER A 141 -17.91 -10.26 13.47
N TRP A 142 -16.98 -11.12 13.03
CA TRP A 142 -15.61 -10.69 12.85
C TRP A 142 -15.50 -9.70 11.70
N LEU A 143 -16.45 -9.78 10.75
CA LEU A 143 -16.47 -8.89 9.59
C LEU A 143 -16.84 -7.43 9.91
N ASP A 144 -17.34 -7.17 11.11
CA ASP A 144 -17.73 -5.82 11.49
C ASP A 144 -16.58 -4.81 11.32
N LEU A 145 -15.41 -5.17 11.84
CA LEU A 145 -14.22 -4.32 11.79
C LEU A 145 -13.67 -4.08 10.37
N PRO A 146 -13.47 -5.14 9.57
CA PRO A 146 -13.13 -4.93 8.16
C PRO A 146 -14.08 -4.02 7.40
N ILE A 147 -15.38 -4.04 7.72
CA ILE A 147 -16.33 -3.16 7.05
C ILE A 147 -16.18 -1.72 7.54
N LYS A 148 -15.99 -1.56 8.85
CA LYS A 148 -15.68 -0.27 9.46
C LYS A 148 -14.42 0.38 8.83
N VAL A 149 -13.40 -0.43 8.55
CA VAL A 149 -12.16 0.05 7.91
C VAL A 149 -12.47 0.50 6.47
N LEU A 150 -13.19 -0.35 5.76
CA LEU A 150 -13.47 -0.18 4.34
C LEU A 150 -14.43 0.98 4.08
N ASN A 151 -15.34 1.23 5.03
CA ASN A 151 -16.26 2.36 4.91
C ASN A 151 -15.65 3.73 5.19
N ALA A 152 -14.43 3.75 5.72
CA ALA A 152 -13.72 5.00 5.96
C ALA A 152 -13.07 5.57 4.67
N ASP A 153 -13.26 4.88 3.54
CA ASP A 153 -12.74 5.34 2.26
C ASP A 153 -13.82 6.05 1.42
N GLN A 154 -13.83 7.37 1.47
CA GLN A 154 -14.73 8.17 0.64
C GLN A 154 -14.49 7.98 -0.87
N GLY A 155 -13.24 7.77 -1.26
CA GLY A 155 -12.87 7.68 -2.68
C GLY A 155 -13.46 6.48 -3.39
N THR A 156 -13.36 5.31 -2.75
CA THR A 156 -13.90 4.08 -3.32
C THR A 156 -15.42 4.24 -3.40
N SER A 157 -16.02 4.62 -2.28
CA SER A 157 -17.46 4.83 -2.19
C SER A 157 -18.02 5.69 -3.33
N ALA A 158 -17.31 6.77 -3.65
CA ALA A 158 -17.76 7.69 -4.69
C ALA A 158 -17.79 6.99 -6.03
N THR A 159 -16.69 6.31 -6.36
CA THR A 159 -16.52 5.69 -7.67
C THR A 159 -17.42 4.48 -7.84
N VAL A 160 -17.62 3.75 -6.75
CA VAL A 160 -18.52 2.59 -6.75
C VAL A 160 -19.97 3.02 -7.03
N GLN A 161 -20.39 4.14 -6.44
CA GLN A 161 -21.74 4.66 -6.58
C GLN A 161 -22.03 5.07 -8.00
N MET A 162 -21.09 5.79 -8.61
CA MET A 162 -21.24 6.21 -10.00
C MET A 162 -21.34 4.99 -10.90
N LEU A 163 -20.45 4.02 -10.66
CA LEU A 163 -20.45 2.75 -11.38
C LEU A 163 -21.81 2.07 -11.35
N LEU A 164 -22.41 2.00 -10.18
CA LEU A 164 -23.70 1.34 -10.03
C LEU A 164 -24.83 2.22 -10.52
N ASN A 165 -24.89 3.44 -10.00
CA ASN A 165 -26.00 4.34 -10.29
C ASN A 165 -26.08 4.78 -11.75
N ASP A 166 -24.98 5.27 -12.31
CA ASP A 166 -24.99 5.82 -13.67
C ASP A 166 -24.30 4.94 -14.71
N THR A 167 -23.07 4.52 -14.42
CA THR A 167 -22.19 3.93 -15.44
C THR A 167 -22.65 2.56 -15.95
N CYS A 168 -23.06 1.70 -15.04
CA CYS A 168 -23.46 0.34 -15.40
C CYS A 168 -24.72 0.26 -16.27
N PRO A 169 -25.82 0.98 -15.91
CA PRO A 169 -27.01 0.98 -16.76
C PRO A 169 -26.80 1.65 -18.11
N LEU A 170 -25.97 2.69 -18.15
CA LEU A 170 -25.68 3.40 -19.39
C LEU A 170 -24.81 2.56 -20.33
N PHE A 171 -24.01 1.67 -19.76
CA PHE A 171 -23.19 0.75 -20.54
C PHE A 171 -24.04 -0.37 -21.15
N VAL A 172 -24.84 -1.03 -20.31
CA VAL A 172 -25.63 -2.19 -20.72
C VAL A 172 -26.60 -1.82 -21.84
N ARG A 173 -27.23 -0.66 -21.69
CA ARG A 173 -28.12 -0.12 -22.72
C ARG A 173 -27.39 0.04 -24.05
N GLY A 174 -26.08 0.26 -23.96
CA GLY A 174 -25.22 0.29 -25.13
C GLY A 174 -25.11 -1.09 -25.76
N LEU A 175 -24.96 -2.11 -24.93
CA LEU A 175 -24.86 -3.49 -25.40
C LEU A 175 -26.16 -3.98 -26.04
N LEU A 176 -27.29 -3.60 -25.46
CA LEU A 176 -28.59 -4.06 -25.92
C LEU A 176 -28.99 -3.53 -27.31
N GLU A 177 -28.40 -2.41 -27.73
CA GLU A 177 -28.60 -1.94 -29.10
C GLU A 177 -27.50 -2.42 -30.05
N ALA A 178 -26.30 -2.62 -29.51
CA ALA A 178 -25.15 -3.09 -30.30
C ALA A 178 -25.23 -4.60 -30.56
N GLY A 179 -25.69 -5.34 -29.56
CA GLY A 179 -25.89 -6.78 -29.70
C GLY A 179 -27.34 -7.15 -29.96
N LYS A 180 -28.10 -6.19 -30.48
CA LYS A 180 -29.48 -6.42 -30.94
C LYS A 180 -29.56 -7.77 -31.66
N SER A 181 -28.65 -7.96 -32.62
CA SER A 181 -28.58 -9.15 -33.45
C SER A 181 -28.35 -10.46 -32.68
N ASP A 182 -27.16 -10.61 -32.10
CA ASP A 182 -26.76 -11.84 -31.41
C ASP A 182 -27.66 -12.27 -30.26
N LEU A 183 -28.39 -11.32 -29.68
CA LEU A 183 -29.33 -11.63 -28.60
C LEU A 183 -30.63 -12.17 -29.16
N GLU A 184 -31.05 -11.63 -30.31
CA GLU A 184 -32.32 -12.02 -30.91
C GLU A 184 -32.17 -13.09 -32.00
N LYS A 185 -31.01 -13.73 -32.04
CA LYS A 185 -30.76 -14.88 -32.92
C LYS A 185 -31.61 -16.09 -32.49
N GLN A 186 -32.05 -16.86 -33.48
CA GLN A 186 -32.84 -18.05 -33.23
C GLN A 186 -32.10 -19.28 -33.74
N GLU A 187 -32.13 -20.35 -32.95
CA GLU A 187 -31.52 -21.62 -33.33
C GLU A 187 -32.50 -22.76 -33.09
N LYS A 188 -32.73 -23.57 -34.12
CA LYS A 188 -33.70 -24.67 -34.09
C LYS A 188 -33.19 -25.87 -33.26
N PRO A 189 -34.05 -26.41 -32.36
CA PRO A 189 -33.69 -27.60 -31.60
C PRO A 189 -33.67 -28.84 -32.47
N VAL A 190 -32.81 -29.79 -32.12
CA VAL A 190 -32.77 -31.10 -32.77
C VAL A 190 -32.93 -32.17 -31.68
N ALA A 191 -33.94 -33.02 -31.83
CA ALA A 191 -34.26 -33.99 -30.79
C ALA A 191 -34.02 -35.44 -31.23
N TRP A 192 -33.75 -36.30 -30.26
CA TRP A 192 -33.66 -37.74 -30.48
C TRP A 192 -34.06 -38.51 -29.22
N LEU A 193 -34.51 -39.75 -29.40
CA LEU A 193 -34.98 -40.58 -28.28
C LEU A 193 -33.98 -41.67 -27.89
N SER A 194 -34.25 -42.31 -26.75
CA SER A 194 -33.48 -43.45 -26.23
C SER A 194 -34.03 -43.80 -24.84
N SER A 195 -33.66 -44.97 -24.33
CA SER A 195 -34.13 -45.38 -23.01
C SER A 195 -33.06 -46.13 -22.21
N VAL A 196 -33.25 -46.12 -20.90
CA VAL A 196 -32.35 -46.79 -19.98
C VAL A 196 -33.15 -47.57 -18.94
N PRO A 197 -32.53 -48.60 -18.33
CA PRO A 197 -33.15 -49.27 -17.20
C PRO A 197 -33.56 -48.25 -16.14
N SER A 198 -34.75 -48.42 -15.59
CA SER A 198 -35.18 -47.64 -14.43
C SER A 198 -34.54 -48.23 -13.17
N SER A 199 -34.65 -47.51 -12.06
CA SER A 199 -34.17 -48.02 -10.77
C SER A 199 -35.16 -49.03 -10.21
N ALA A 200 -36.40 -48.99 -10.71
CA ALA A 200 -37.44 -49.93 -10.33
C ALA A 200 -37.44 -51.19 -11.20
N HIS A 201 -37.66 -52.34 -10.55
CA HIS A 201 -37.68 -53.66 -11.20
C HIS A 201 -38.70 -53.70 -12.35
N GLY A 202 -38.19 -53.92 -13.57
CA GLY A 202 -39.04 -54.10 -14.75
C GLY A 202 -39.72 -52.86 -15.30
N HIS A 203 -39.23 -51.68 -14.93
CA HIS A 203 -39.70 -50.42 -15.49
C HIS A 203 -38.65 -49.86 -16.45
N ARG A 204 -39.07 -48.96 -17.33
CA ARG A 204 -38.16 -48.35 -18.30
C ARG A 204 -38.21 -46.83 -18.26
N GLN A 205 -37.03 -46.19 -18.14
CA GLN A 205 -36.95 -44.74 -18.21
C GLN A 205 -36.61 -44.27 -19.63
N LEU A 206 -37.53 -43.50 -20.21
CA LEU A 206 -37.43 -43.05 -21.59
C LEU A 206 -36.89 -41.63 -21.65
N VAL A 207 -35.98 -41.39 -22.59
CA VAL A 207 -35.29 -40.11 -22.66
C VAL A 207 -35.56 -39.43 -23.99
N CYS A 208 -35.95 -38.15 -23.93
CA CYS A 208 -36.07 -37.32 -25.12
C CYS A 208 -35.01 -36.22 -25.12
N HIS A 209 -33.93 -36.45 -25.85
CA HIS A 209 -32.82 -35.51 -25.89
C HIS A 209 -33.12 -34.35 -26.84
N VAL A 210 -33.02 -33.12 -26.31
CA VAL A 210 -33.23 -31.91 -27.12
C VAL A 210 -31.96 -31.06 -27.06
N SER A 211 -31.43 -30.70 -28.22
CA SER A 211 -30.12 -30.06 -28.28
C SER A 211 -30.00 -28.92 -29.29
N GLY A 212 -29.16 -27.95 -28.96
CA GLY A 212 -28.76 -26.90 -29.88
C GLY A 212 -29.79 -25.81 -30.12
N PHE A 213 -30.51 -25.43 -29.06
CA PHE A 213 -31.53 -24.39 -29.19
C PHE A 213 -31.15 -23.08 -28.51
N TYR A 214 -31.59 -21.98 -29.11
CA TYR A 214 -31.44 -20.64 -28.55
C TYR A 214 -32.56 -19.78 -29.11
N PRO A 215 -33.26 -19.00 -28.25
CA PRO A 215 -33.08 -18.71 -26.83
C PRO A 215 -33.50 -19.84 -25.90
N LYS A 216 -33.26 -19.63 -24.61
CA LYS A 216 -33.40 -20.66 -23.57
C LYS A 216 -34.81 -21.22 -23.35
N PRO A 217 -35.85 -20.35 -23.29
CA PRO A 217 -37.21 -20.89 -23.09
C PRO A 217 -37.63 -21.95 -24.10
N VAL A 218 -38.21 -23.05 -23.61
CA VAL A 218 -38.56 -24.21 -24.44
C VAL A 218 -39.59 -25.10 -23.74
N TRP A 219 -40.38 -25.82 -24.55
CA TRP A 219 -41.44 -26.68 -24.03
C TRP A 219 -41.30 -28.11 -24.55
N VAL A 220 -40.94 -29.04 -23.66
CA VAL A 220 -40.82 -30.45 -24.01
C VAL A 220 -41.74 -31.30 -23.16
N MET A 221 -42.54 -32.14 -23.80
CA MET A 221 -43.44 -33.04 -23.08
C MET A 221 -43.58 -34.41 -23.73
N TRP A 222 -43.89 -35.40 -22.90
CA TRP A 222 -44.29 -36.71 -23.39
C TRP A 222 -45.80 -36.75 -23.51
N MET A 223 -46.27 -37.14 -24.67
CA MET A 223 -47.69 -37.11 -24.99
C MET A 223 -48.25 -38.49 -25.23
N ARG A 224 -49.56 -38.62 -25.07
CA ARG A 224 -50.33 -39.72 -25.61
C ARG A 224 -51.44 -39.14 -26.49
N GLY A 225 -51.04 -38.53 -27.60
CA GLY A 225 -51.96 -37.84 -28.50
C GLY A 225 -52.55 -36.60 -27.86
N ASP A 226 -53.62 -36.79 -27.10
CA ASP A 226 -54.26 -35.72 -26.34
C ASP A 226 -53.49 -35.44 -25.05
N GLN A 227 -53.62 -36.36 -24.09
CA GLN A 227 -53.13 -36.14 -22.73
C GLN A 227 -51.60 -36.19 -22.63
N GLU A 228 -51.02 -35.07 -22.19
CA GLU A 228 -49.59 -34.99 -21.89
C GLU A 228 -49.28 -35.66 -20.56
N GLN A 229 -48.23 -36.48 -20.56
CA GLN A 229 -47.89 -37.33 -19.41
C GLN A 229 -47.46 -36.55 -18.18
N GLN A 230 -48.10 -36.88 -17.07
CA GLN A 230 -47.91 -36.16 -15.81
C GLN A 230 -46.64 -36.58 -15.08
N GLY A 231 -46.07 -37.70 -15.49
CA GLY A 231 -44.82 -38.19 -14.91
C GLY A 231 -43.61 -37.73 -15.69
N THR A 232 -43.81 -36.74 -16.56
CA THR A 232 -42.73 -36.18 -17.37
C THR A 232 -41.84 -35.27 -16.54
N HIS A 233 -40.55 -35.61 -16.49
CA HIS A 233 -39.59 -34.85 -15.70
C HIS A 233 -38.64 -34.06 -16.60
N ARG A 234 -38.49 -32.78 -16.29
CA ARG A 234 -37.57 -31.91 -17.00
C ARG A 234 -36.23 -31.90 -16.28
N GLY A 235 -35.16 -32.16 -17.02
CA GLY A 235 -33.80 -32.12 -16.47
C GLY A 235 -33.26 -30.70 -16.42
N ASP A 236 -32.00 -30.54 -16.01
CA ASP A 236 -31.35 -29.24 -16.02
C ASP A 236 -31.00 -28.75 -17.42
N PHE A 237 -31.09 -27.44 -17.63
CA PHE A 237 -30.61 -26.80 -18.87
C PHE A 237 -29.09 -26.84 -18.91
N LEU A 238 -28.53 -27.68 -19.78
CA LEU A 238 -27.07 -27.80 -19.89
C LEU A 238 -26.55 -27.01 -21.10
N PRO A 239 -25.35 -26.41 -20.99
CA PRO A 239 -24.85 -25.58 -22.09
C PRO A 239 -24.08 -26.36 -23.15
N ASN A 240 -24.14 -25.87 -24.39
CA ASN A 240 -23.23 -26.30 -25.45
C ASN A 240 -22.09 -25.31 -25.56
N ALA A 241 -21.00 -25.71 -26.19
CA ALA A 241 -19.82 -24.85 -26.34
C ALA A 241 -20.06 -23.66 -27.27
N ASP A 242 -21.06 -23.77 -28.14
CA ASP A 242 -21.35 -22.75 -29.15
C ASP A 242 -22.53 -21.86 -28.80
N GLU A 243 -22.75 -21.67 -27.49
CA GLU A 243 -23.83 -20.83 -26.95
C GLU A 243 -25.26 -21.28 -27.34
N THR A 244 -25.46 -22.59 -27.37
CA THR A 244 -26.78 -23.18 -27.50
C THR A 244 -27.07 -24.04 -26.26
N TRP A 245 -28.30 -24.54 -26.14
CA TRP A 245 -28.72 -25.22 -24.93
C TRP A 245 -29.03 -26.69 -25.14
N TYR A 246 -29.00 -27.45 -24.04
CA TYR A 246 -29.34 -28.86 -24.07
C TYR A 246 -30.27 -29.18 -22.90
N LEU A 247 -31.33 -29.92 -23.22
CA LEU A 247 -32.31 -30.36 -22.24
C LEU A 247 -32.74 -31.78 -22.57
N GLN A 248 -33.03 -32.57 -21.55
CA GLN A 248 -33.72 -33.83 -21.77
C GLN A 248 -34.95 -33.93 -20.88
N ALA A 249 -36.03 -34.48 -21.44
CA ALA A 249 -37.26 -34.74 -20.69
C ALA A 249 -37.44 -36.25 -20.59
N THR A 250 -37.58 -36.75 -19.35
CA THR A 250 -37.66 -38.19 -19.14
C THR A 250 -39.02 -38.64 -18.65
N LEU A 251 -39.34 -39.90 -18.92
CA LEU A 251 -40.62 -40.48 -18.55
C LEU A 251 -40.44 -41.96 -18.16
N ASP A 252 -40.87 -42.29 -16.95
CA ASP A 252 -40.82 -43.64 -16.44
C ASP A 252 -42.12 -44.36 -16.74
N VAL A 253 -42.01 -45.46 -17.48
CA VAL A 253 -43.14 -46.33 -17.81
C VAL A 253 -42.80 -47.79 -17.55
N GLU A 254 -43.82 -48.58 -17.22
CA GLU A 254 -43.62 -50.00 -17.01
C GLU A 254 -43.35 -50.69 -18.36
N ALA A 255 -42.25 -51.46 -18.41
CA ALA A 255 -41.78 -52.07 -19.66
C ALA A 255 -42.90 -52.66 -20.49
N GLY A 256 -42.94 -52.30 -21.76
CA GLY A 256 -44.00 -52.72 -22.66
C GLY A 256 -45.15 -51.73 -22.76
N GLU A 257 -44.94 -50.52 -22.25
CA GLU A 257 -45.94 -49.46 -22.35
C GLU A 257 -45.39 -48.24 -23.07
N GLU A 258 -44.24 -48.43 -23.72
CA GLU A 258 -43.60 -47.38 -24.50
C GLU A 258 -44.42 -47.08 -25.74
N ALA A 259 -45.01 -48.12 -26.32
CA ALA A 259 -45.78 -48.03 -27.56
C ALA A 259 -46.94 -47.04 -27.45
N GLY A 260 -46.92 -46.03 -28.31
CA GLY A 260 -47.98 -45.04 -28.38
C GLY A 260 -47.63 -43.72 -27.72
N LEU A 261 -46.38 -43.60 -27.28
CA LEU A 261 -45.90 -42.36 -26.65
C LEU A 261 -45.23 -41.47 -27.69
N ALA A 262 -45.22 -40.16 -27.42
CA ALA A 262 -44.61 -39.19 -28.32
C ALA A 262 -43.97 -38.05 -27.56
N CYS A 263 -42.75 -37.68 -27.97
CA CYS A 263 -42.09 -36.50 -27.43
C CYS A 263 -42.45 -35.29 -28.29
N ARG A 264 -42.91 -34.21 -27.65
CA ARG A 264 -43.32 -33.01 -28.38
C ARG A 264 -42.54 -31.78 -27.92
N VAL A 265 -41.86 -31.13 -28.86
CA VAL A 265 -40.99 -29.98 -28.56
C VAL A 265 -41.51 -28.66 -29.18
N LYS A 266 -41.88 -27.73 -28.32
CA LYS A 266 -42.30 -26.38 -28.72
C LYS A 266 -41.20 -25.37 -28.41
N HIS A 267 -40.76 -24.68 -29.46
CA HIS A 267 -39.74 -23.63 -29.33
C HIS A 267 -39.99 -22.54 -30.37
N SER A 268 -39.69 -21.30 -29.99
CA SER A 268 -39.99 -20.12 -30.79
C SER A 268 -39.34 -20.11 -32.18
N SER A 269 -38.23 -20.83 -32.33
CA SER A 269 -37.43 -20.82 -33.57
C SER A 269 -38.03 -21.60 -34.73
N LEU A 270 -39.07 -22.37 -34.45
CA LEU A 270 -39.69 -23.22 -35.45
C LEU A 270 -40.85 -22.50 -36.08
N GLY A 271 -41.51 -21.67 -35.28
CA GLY A 271 -42.78 -21.08 -35.64
C GLY A 271 -43.88 -21.95 -35.05
N GLY A 272 -44.70 -22.51 -35.93
CA GLY A 272 -45.77 -23.41 -35.50
C GLY A 272 -45.43 -24.88 -35.60
N GLN A 273 -44.31 -25.20 -36.26
CA GLN A 273 -43.99 -26.60 -36.57
C GLN A 273 -43.08 -27.30 -35.54
N ASP A 274 -43.74 -27.99 -34.60
CA ASP A 274 -43.09 -28.75 -33.52
C ASP A 274 -42.25 -29.92 -34.01
N ILE A 275 -41.48 -30.49 -33.10
CA ILE A 275 -40.82 -31.78 -33.33
C ILE A 275 -41.62 -32.82 -32.55
N ILE A 276 -42.30 -33.71 -33.27
CA ILE A 276 -43.05 -34.79 -32.64
C ILE A 276 -42.38 -36.12 -32.95
N LEU A 277 -41.58 -36.59 -31.99
CA LEU A 277 -40.90 -37.87 -32.12
C LEU A 277 -41.77 -38.97 -31.53
N TYR A 278 -42.10 -39.96 -32.36
CA TYR A 278 -42.92 -41.10 -31.95
C TYR A 278 -42.06 -42.31 -31.65
N TRP A 279 -42.38 -43.00 -30.55
CA TRP A 279 -41.67 -44.21 -30.17
C TRP A 279 -42.08 -45.37 -31.08
N GLY A 280 -41.38 -45.51 -32.21
CA GLY A 280 -41.67 -46.58 -33.19
C GLY A 280 -41.82 -46.07 -34.63
N LEU A 282 -41.62 -45.80 -37.98
CA LEU A 282 -40.43 -46.10 -38.77
C LEU A 282 -39.25 -45.27 -38.26
N HIS A 283 -39.33 -43.96 -38.48
CA HIS A 283 -38.28 -43.00 -38.14
C HIS A 283 -37.43 -43.41 -36.94
N HIS A 284 -38.09 -43.68 -35.82
CA HIS A 284 -37.44 -44.10 -34.57
C HIS A 284 -36.50 -45.29 -34.79
N ILE A 285 -37.07 -46.42 -35.21
CA ILE A 285 -36.32 -47.65 -35.45
C ILE A 285 -34.96 -47.39 -36.12
N LEU A 286 -34.98 -46.58 -37.17
CA LEU A 286 -33.81 -46.32 -38.02
C LEU A 286 -32.69 -45.57 -37.31
N ASP A 287 -33.07 -44.58 -36.51
CA ASP A 287 -32.10 -43.77 -35.75
C ASP A 287 -31.49 -44.55 -34.60
N ALA A 288 -32.25 -45.51 -34.05
CA ALA A 288 -31.76 -46.38 -33.00
C ALA A 288 -30.69 -47.36 -33.51
N GLN A 289 -30.65 -47.57 -34.82
CA GLN A 289 -29.65 -48.42 -35.45
C GLN A 289 -28.31 -47.72 -35.61
N LYS A 290 -28.34 -46.39 -35.78
CA LYS A 290 -27.13 -45.61 -36.00
C LYS A 290 -26.37 -45.26 -34.71
N MET A 291 -26.99 -45.51 -33.55
CA MET A 291 -26.37 -45.24 -32.24
C MET A 291 -26.16 -46.47 -31.34
N VAL A 292 -26.01 -47.64 -31.95
CA VAL A 292 -25.80 -48.88 -31.22
C VAL A 292 -24.40 -48.91 -30.62
N TRP A 293 -24.23 -49.59 -29.47
CA TRP A 293 -22.92 -49.71 -28.82
C TRP A 293 -22.88 -50.90 -27.83
N ASN A 294 -21.69 -51.21 -27.32
CA ASN A 294 -21.50 -52.39 -26.46
C ASN A 294 -21.90 -52.23 -24.98
N HIS A 295 -22.34 -51.04 -24.61
CA HIS A 295 -22.92 -50.77 -23.27
C HIS A 295 -21.95 -50.88 -22.07
N ARG A 296 -20.68 -50.53 -22.29
CA ARG A 296 -19.70 -50.37 -21.20
C ARG A 296 -19.32 -48.89 -21.14
N HIS A 297 -19.47 -48.22 -20.00
CA HIS A 297 -20.09 -48.75 -18.80
C HIS A 297 -21.38 -47.96 -18.58
N HIS A 298 -22.36 -48.54 -17.91
CA HIS A 298 -23.75 -48.05 -18.00
C HIS A 298 -24.31 -47.24 -16.81
N HIS A 299 -23.50 -47.08 -15.76
CA HIS A 299 -23.95 -46.47 -14.48
C HIS A 299 -24.77 -47.45 -13.64
N ILE B 1 -17.08 -24.49 4.15
CA ILE B 1 -17.70 -25.63 3.42
C ILE B 1 -16.91 -25.91 2.14
N GLN B 2 -16.84 -27.18 1.76
CA GLN B 2 -16.06 -27.64 0.61
C GLN B 2 -16.91 -28.55 -0.28
N LYS B 3 -17.61 -27.94 -1.24
CA LYS B 3 -18.58 -28.65 -2.10
C LYS B 3 -17.94 -29.56 -3.15
N THR B 4 -18.50 -30.77 -3.29
CA THR B 4 -17.95 -31.79 -4.20
C THR B 4 -18.56 -31.75 -5.61
N PRO B 5 -17.72 -31.83 -6.65
CA PRO B 5 -18.18 -31.63 -8.04
C PRO B 5 -19.10 -32.72 -8.60
N GLN B 6 -19.98 -32.32 -9.51
CA GLN B 6 -20.85 -33.24 -10.25
C GLN B 6 -20.49 -33.20 -11.73
N ILE B 7 -20.35 -34.37 -12.35
CA ILE B 7 -19.88 -34.45 -13.73
C ILE B 7 -21.02 -34.90 -14.66
N GLN B 8 -21.12 -34.26 -15.83
CA GLN B 8 -22.14 -34.61 -16.81
C GLN B 8 -21.56 -34.69 -18.23
N VAL B 9 -21.72 -35.85 -18.85
CA VAL B 9 -21.19 -36.08 -20.20
C VAL B 9 -22.32 -36.28 -21.21
N TYR B 10 -22.26 -35.52 -22.30
CA TYR B 10 -23.30 -35.54 -23.32
C TYR B 10 -22.76 -35.01 -24.66
N SER B 11 -23.38 -35.43 -25.75
CA SER B 11 -22.92 -35.08 -27.10
C SER B 11 -23.69 -33.89 -27.64
N ARG B 12 -23.09 -33.22 -28.64
CA ARG B 12 -23.65 -32.00 -29.19
C ARG B 12 -24.76 -32.29 -30.19
N HIS B 13 -24.56 -33.34 -31.00
CA HIS B 13 -25.55 -33.80 -31.97
C HIS B 13 -26.00 -35.23 -31.64
N PRO B 14 -27.18 -35.64 -32.18
CA PRO B 14 -27.56 -37.05 -32.06
C PRO B 14 -26.37 -37.95 -32.40
N PRO B 15 -26.07 -38.94 -31.55
CA PRO B 15 -24.92 -39.80 -31.83
C PRO B 15 -25.16 -40.72 -33.04
N GLU B 16 -24.33 -40.57 -34.07
CA GLU B 16 -24.36 -41.47 -35.21
C GLU B 16 -22.99 -42.12 -35.35
N ASN B 17 -22.94 -43.44 -35.17
CA ASN B 17 -21.69 -44.19 -35.27
C ASN B 17 -20.94 -43.89 -36.57
N GLY B 18 -19.76 -43.30 -36.45
CA GLY B 18 -18.93 -42.97 -37.60
C GLY B 18 -19.17 -41.60 -38.19
N LYS B 19 -19.85 -40.74 -37.44
CA LYS B 19 -20.06 -39.35 -37.87
C LYS B 19 -19.45 -38.35 -36.88
N PRO B 20 -18.66 -37.38 -37.39
CA PRO B 20 -18.06 -36.29 -36.59
C PRO B 20 -19.05 -35.63 -35.63
N ASN B 21 -18.57 -35.37 -34.40
CA ASN B 21 -19.41 -34.88 -33.32
C ASN B 21 -18.52 -34.17 -32.29
N ILE B 22 -19.16 -33.55 -31.29
CA ILE B 22 -18.45 -32.89 -30.19
C ILE B 22 -18.99 -33.44 -28.87
N LEU B 23 -18.07 -33.78 -27.96
CA LEU B 23 -18.47 -34.28 -26.63
C LEU B 23 -18.28 -33.22 -25.54
N ASN B 24 -19.36 -32.91 -24.83
CA ASN B 24 -19.34 -31.91 -23.78
C ASN B 24 -19.23 -32.57 -22.40
N CYS B 25 -18.31 -32.06 -21.58
CA CYS B 25 -18.21 -32.45 -20.16
C CYS B 25 -18.42 -31.24 -19.25
N TYR B 26 -19.62 -31.14 -18.69
CA TYR B 26 -20.04 -30.02 -17.83
C TYR B 26 -19.84 -30.40 -16.37
N VAL B 27 -18.97 -29.67 -15.68
CA VAL B 27 -18.67 -29.95 -14.27
C VAL B 27 -19.22 -28.80 -13.43
N THR B 28 -19.93 -29.13 -12.36
CA THR B 28 -20.65 -28.12 -11.59
C THR B 28 -20.57 -28.35 -10.08
N GLN B 29 -21.04 -27.35 -9.33
CA GLN B 29 -21.29 -27.43 -7.88
C GLN B 29 -20.05 -27.75 -7.05
N PHE B 30 -18.88 -27.28 -7.48
CA PHE B 30 -17.66 -27.54 -6.70
C PHE B 30 -17.11 -26.32 -5.98
N HIS B 31 -16.19 -26.58 -5.06
CA HIS B 31 -15.53 -25.57 -4.25
C HIS B 31 -14.38 -26.22 -3.48
N PRO B 32 -13.17 -25.61 -3.53
CA PRO B 32 -12.76 -24.36 -4.19
C PRO B 32 -12.52 -24.52 -5.69
N PRO B 33 -12.58 -23.41 -6.46
CA PRO B 33 -12.56 -23.43 -7.94
C PRO B 33 -11.33 -24.05 -8.62
N HIS B 34 -10.22 -24.25 -7.91
CA HIS B 34 -9.09 -24.95 -8.52
C HIS B 34 -9.53 -26.38 -8.87
N ILE B 35 -9.40 -26.74 -10.14
CA ILE B 35 -9.83 -28.05 -10.62
C ILE B 35 -8.99 -28.49 -11.81
N GLU B 36 -8.96 -29.81 -12.06
CA GLU B 36 -8.24 -30.37 -13.22
C GLU B 36 -9.13 -31.35 -13.96
N ILE B 37 -9.40 -31.05 -15.22
CA ILE B 37 -10.28 -31.87 -16.05
C ILE B 37 -9.55 -32.41 -17.26
N GLN B 38 -9.57 -33.73 -17.41
CA GLN B 38 -9.05 -34.40 -18.59
C GLN B 38 -10.20 -35.16 -19.25
N MET B 39 -10.11 -35.31 -20.57
CA MET B 39 -11.05 -36.16 -21.30
C MET B 39 -10.30 -37.32 -21.94
N LEU B 40 -10.86 -38.52 -21.84
CA LEU B 40 -10.15 -39.75 -22.21
C LEU B 40 -10.87 -40.54 -23.29
N LYS B 41 -10.13 -40.95 -24.31
CA LYS B 41 -10.60 -41.91 -25.30
C LYS B 41 -9.87 -43.22 -25.06
N ASN B 42 -10.64 -44.25 -24.71
CA ASN B 42 -10.08 -45.55 -24.34
C ASN B 42 -9.05 -45.45 -23.20
N GLY B 43 -9.38 -44.68 -22.17
CA GLY B 43 -8.53 -44.58 -20.98
C GLY B 43 -7.26 -43.75 -21.11
N LYS B 44 -7.04 -43.15 -22.28
CA LYS B 44 -5.90 -42.26 -22.49
C LYS B 44 -6.38 -40.84 -22.76
N LYS B 45 -5.57 -39.85 -22.38
CA LYS B 45 -5.91 -38.43 -22.56
C LYS B 45 -6.15 -38.04 -24.01
N ILE B 46 -6.75 -36.88 -24.23
CA ILE B 46 -6.97 -36.36 -25.57
C ILE B 46 -6.11 -35.11 -25.82
N PRO B 47 -5.28 -35.15 -26.88
CA PRO B 47 -4.34 -34.08 -27.28
C PRO B 47 -4.94 -32.66 -27.27
N LYS B 48 -6.10 -32.48 -27.90
CA LYS B 48 -6.75 -31.17 -27.93
C LYS B 48 -8.11 -31.16 -27.21
N VAL B 49 -8.16 -30.49 -26.07
CA VAL B 49 -9.40 -30.32 -25.32
C VAL B 49 -9.62 -28.83 -25.08
N GLU B 50 -10.77 -28.33 -25.52
CA GLU B 50 -11.10 -26.93 -25.31
C GLU B 50 -11.86 -26.73 -24.01
N MET B 51 -11.43 -25.74 -23.24
CA MET B 51 -12.10 -25.35 -22.00
C MET B 51 -12.80 -24.02 -22.20
N SER B 52 -13.92 -23.85 -21.52
CA SER B 52 -14.52 -22.54 -21.38
C SER B 52 -13.92 -21.87 -20.14
N ASP B 53 -14.07 -20.55 -20.04
CA ASP B 53 -13.75 -19.84 -18.82
C ASP B 53 -14.65 -20.35 -17.69
N MET B 54 -14.24 -20.14 -16.44
CA MET B 54 -15.05 -20.55 -15.30
C MET B 54 -16.00 -19.45 -14.87
N SER B 55 -17.14 -19.86 -14.31
CA SER B 55 -18.11 -18.94 -13.72
C SER B 55 -18.77 -19.59 -12.51
N PHE B 56 -19.79 -18.93 -11.98
CA PHE B 56 -20.63 -19.50 -10.96
C PHE B 56 -22.10 -19.11 -11.13
N SER B 57 -22.99 -19.85 -10.48
CA SER B 57 -24.42 -19.61 -10.54
C SER B 57 -24.84 -18.54 -9.53
N LYS B 58 -26.15 -18.27 -9.46
CA LYS B 58 -26.71 -17.40 -8.43
C LYS B 58 -26.51 -17.98 -7.03
N ASP B 59 -26.28 -19.28 -6.94
CA ASP B 59 -26.03 -19.96 -5.67
C ASP B 59 -24.53 -20.02 -5.35
N TRP B 60 -23.75 -19.22 -6.08
CA TRP B 60 -22.32 -19.00 -5.80
C TRP B 60 -21.36 -20.16 -6.17
N SER B 61 -21.92 -21.29 -6.62
CA SER B 61 -21.10 -22.47 -6.92
C SER B 61 -20.58 -22.49 -8.35
N PHE B 62 -19.35 -22.96 -8.51
CA PHE B 62 -18.64 -22.86 -9.78
C PHE B 62 -19.04 -23.90 -10.82
N TYR B 63 -19.05 -23.50 -12.08
CA TYR B 63 -19.23 -24.42 -13.19
C TYR B 63 -18.22 -24.14 -14.30
N ILE B 64 -17.94 -25.14 -15.12
CA ILE B 64 -16.98 -24.99 -16.22
C ILE B 64 -17.34 -25.94 -17.35
N LEU B 65 -16.92 -25.62 -18.57
CA LEU B 65 -17.21 -26.50 -19.71
C LEU B 65 -16.00 -26.97 -20.51
N ALA B 66 -15.80 -28.29 -20.48
CA ALA B 66 -14.78 -28.95 -21.26
C ALA B 66 -15.44 -29.66 -22.43
N HIS B 67 -14.89 -29.46 -23.63
CA HIS B 67 -15.38 -30.17 -24.81
C HIS B 67 -14.26 -30.65 -25.72
N THR B 68 -14.52 -31.73 -26.45
CA THR B 68 -13.57 -32.32 -27.40
C THR B 68 -14.24 -32.85 -28.66
N GLU B 69 -13.51 -32.79 -29.76
CA GLU B 69 -13.99 -33.26 -31.07
C GLU B 69 -13.81 -34.76 -31.16
N PHE B 70 -14.89 -35.50 -31.42
CA PHE B 70 -14.83 -36.97 -31.45
C PHE B 70 -15.80 -37.58 -32.45
N THR B 71 -15.49 -38.80 -32.90
CA THR B 71 -16.42 -39.61 -33.68
C THR B 71 -16.69 -40.94 -32.94
N PRO B 72 -17.95 -41.17 -32.52
CA PRO B 72 -18.33 -42.33 -31.72
C PRO B 72 -18.29 -43.65 -32.49
N THR B 73 -18.24 -44.76 -31.75
CA THR B 73 -18.27 -46.10 -32.33
C THR B 73 -19.09 -47.02 -31.43
N GLU B 74 -19.20 -48.29 -31.81
CA GLU B 74 -19.83 -49.28 -30.96
C GLU B 74 -18.87 -49.75 -29.87
N THR B 75 -17.58 -49.60 -30.14
CA THR B 75 -16.53 -50.15 -29.28
C THR B 75 -15.77 -49.09 -28.46
N ASP B 76 -15.59 -47.90 -29.02
CA ASP B 76 -14.77 -46.86 -28.38
C ASP B 76 -15.40 -46.25 -27.13
N THR B 77 -14.59 -46.07 -26.09
CA THR B 77 -15.06 -45.45 -24.84
C THR B 77 -14.57 -44.01 -24.69
N TYR B 78 -15.38 -43.22 -23.99
CA TYR B 78 -15.11 -41.82 -23.73
C TYR B 78 -15.53 -41.47 -22.32
N ALA B 79 -14.61 -40.88 -21.58
CA ALA B 79 -14.88 -40.48 -20.20
C ALA B 79 -14.29 -39.11 -19.86
N CYS B 80 -14.77 -38.53 -18.77
CA CYS B 80 -14.31 -37.24 -18.25
C CYS B 80 -13.74 -37.46 -16.86
N ARG B 81 -12.46 -37.15 -16.68
CA ARG B 81 -11.76 -37.44 -15.43
C ARG B 81 -11.40 -36.16 -14.68
N VAL B 82 -11.96 -36.03 -13.47
CA VAL B 82 -11.84 -34.81 -12.66
C VAL B 82 -11.04 -35.01 -11.36
N LYS B 83 -10.05 -34.15 -11.15
CA LYS B 83 -9.31 -34.08 -9.89
C LYS B 83 -9.67 -32.81 -9.13
N HIS B 84 -9.92 -32.94 -7.83
CA HIS B 84 -10.40 -31.84 -7.01
C HIS B 84 -10.21 -32.12 -5.51
N ALA B 85 -10.00 -31.06 -4.75
CA ALA B 85 -9.64 -31.16 -3.33
C ALA B 85 -10.61 -31.98 -2.45
N SER B 86 -11.88 -32.04 -2.85
CA SER B 86 -12.92 -32.72 -2.06
C SER B 86 -12.96 -34.23 -2.26
N MET B 87 -12.23 -34.71 -3.27
CA MET B 87 -12.11 -36.14 -3.56
C MET B 87 -10.70 -36.66 -3.27
N ALA B 88 -10.61 -37.79 -2.56
CA ALA B 88 -9.32 -38.44 -2.31
C ALA B 88 -8.76 -39.04 -3.61
N GLU B 89 -9.61 -39.71 -4.37
CA GLU B 89 -9.23 -40.26 -5.67
C GLU B 89 -9.96 -39.50 -6.78
N PRO B 90 -9.32 -39.35 -7.96
CA PRO B 90 -10.00 -38.69 -9.08
C PRO B 90 -11.24 -39.47 -9.53
N LYS B 91 -12.34 -38.75 -9.76
CA LYS B 91 -13.57 -39.38 -10.26
C LYS B 91 -13.53 -39.50 -11.79
N THR B 92 -14.12 -40.56 -12.31
CA THR B 92 -14.25 -40.77 -13.75
C THR B 92 -15.70 -41.11 -14.09
N VAL B 93 -16.28 -40.33 -15.01
CA VAL B 93 -17.66 -40.56 -15.46
C VAL B 93 -17.65 -40.80 -16.97
N TYR B 94 -18.06 -42.01 -17.35
CA TYR B 94 -18.10 -42.44 -18.75
C TYR B 94 -19.33 -41.93 -19.48
N TRP B 95 -19.17 -41.69 -20.77
CA TRP B 95 -20.26 -41.26 -21.63
C TRP B 95 -21.27 -42.40 -21.86
N ASP B 96 -22.55 -42.08 -21.71
CA ASP B 96 -23.62 -43.06 -21.82
C ASP B 96 -24.75 -42.42 -22.62
N ARG B 97 -24.64 -42.51 -23.94
CA ARG B 97 -25.58 -41.88 -24.89
C ARG B 97 -27.05 -42.18 -24.61
N ASP B 98 -27.30 -43.36 -24.03
CA ASP B 98 -28.66 -43.78 -23.68
C ASP B 98 -29.27 -42.94 -22.55
N MET B 99 -28.41 -42.32 -21.74
CA MET B 99 -28.83 -41.43 -20.66
C MET B 99 -29.37 -40.11 -21.18
N THR C 1 11.46 4.80 -4.73
CA THR C 1 11.68 6.27 -4.75
C THR C 1 10.58 7.00 -5.54
N GLN C 2 9.34 6.84 -5.08
CA GLN C 2 8.18 7.31 -5.80
C GLN C 2 7.83 8.78 -5.54
N VAL C 3 8.26 9.30 -4.39
CA VAL C 3 8.04 10.70 -4.02
C VAL C 3 9.36 11.44 -4.02
N GLU C 4 9.50 12.39 -4.93
CA GLU C 4 10.72 13.20 -5.02
C GLU C 4 10.39 14.67 -4.77
N GLN C 5 11.26 15.35 -4.02
CA GLN C 5 11.04 16.72 -3.58
C GLN C 5 12.08 17.67 -4.13
N SER C 6 11.64 18.89 -4.43
CA SER C 6 12.45 19.88 -5.10
C SER C 6 12.10 21.24 -4.53
N PRO C 7 13.10 22.13 -4.37
CA PRO C 7 14.53 21.89 -4.48
C PRO C 7 15.06 21.18 -3.24
N GLN C 8 16.34 20.82 -3.26
CA GLN C 8 16.95 20.03 -2.19
C GLN C 8 17.06 20.82 -0.89
N SER C 9 17.72 21.98 -0.98
CA SER C 9 17.73 22.97 0.10
C SER C 9 17.39 24.36 -0.45
N LEU C 10 16.65 25.13 0.33
CA LEU C 10 16.25 26.48 -0.06
C LEU C 10 16.71 27.47 0.99
N VAL C 11 16.95 28.69 0.52
CA VAL C 11 17.44 29.79 1.35
C VAL C 11 16.62 31.03 1.00
N VAL C 12 15.97 31.61 2.01
CA VAL C 12 15.17 32.83 1.84
C VAL C 12 15.49 33.96 2.82
N ARG C 13 15.39 35.19 2.33
CA ARG C 13 15.46 36.39 3.17
C ARG C 13 14.24 36.47 4.09
N GLN C 14 14.48 36.66 5.39
CA GLN C 14 13.41 36.70 6.40
C GLN C 14 12.37 37.77 6.09
N GLY C 15 11.18 37.34 5.67
CA GLY C 15 10.10 38.26 5.27
C GLY C 15 9.54 37.92 3.91
N GLU C 16 10.38 37.35 3.05
CA GLU C 16 10.00 36.96 1.69
C GLU C 16 9.19 35.67 1.59
N ASN C 17 8.79 35.32 0.37
CA ASN C 17 8.05 34.08 0.08
C ASN C 17 8.94 32.95 -0.39
N SER C 18 8.56 31.73 -0.05
CA SER C 18 9.27 30.53 -0.49
C SER C 18 8.32 29.50 -1.11
N VAL C 19 8.80 28.82 -2.16
CA VAL C 19 8.01 27.84 -2.88
C VAL C 19 8.69 26.46 -2.77
N LEU C 20 7.90 25.43 -2.46
CA LEU C 20 8.42 24.04 -2.38
C LEU C 20 7.68 23.05 -3.30
N GLN C 21 8.43 22.34 -4.15
CA GLN C 21 7.87 21.42 -5.14
C GLN C 21 7.82 19.97 -4.65
N CYS C 22 6.81 19.24 -5.10
CA CYS C 22 6.69 17.81 -4.82
C CYS C 22 6.13 17.07 -6.03
N ASN C 23 6.88 16.09 -6.51
CA ASN C 23 6.44 15.22 -7.62
C ASN C 23 6.47 13.76 -7.18
N TYR C 24 5.37 13.06 -7.42
CA TYR C 24 5.22 11.67 -7.02
C TYR C 24 4.69 10.84 -8.20
N SER C 25 4.93 9.53 -8.14
CA SER C 25 4.42 8.62 -9.16
C SER C 25 3.61 7.47 -8.54
N VAL C 26 3.44 7.54 -7.21
CA VAL C 26 2.60 6.61 -6.46
C VAL C 26 1.24 6.38 -7.12
N THR C 27 0.85 5.11 -7.23
CA THR C 27 -0.44 4.74 -7.81
C THR C 27 -1.05 3.64 -6.96
N PRO C 28 -2.24 3.91 -6.38
CA PRO C 28 -2.97 5.16 -6.58
C PRO C 28 -2.54 6.26 -5.61
N ASP C 29 -2.99 7.49 -5.88
CA ASP C 29 -2.68 8.67 -5.07
C ASP C 29 -3.95 9.27 -4.42
N ASN C 30 -4.34 8.71 -3.29
CA ASN C 30 -5.54 9.13 -2.58
C ASN C 30 -5.44 10.56 -2.07
N HIS C 31 -4.34 10.84 -1.38
CA HIS C 31 -4.11 12.14 -0.79
C HIS C 31 -2.63 12.43 -0.68
N LEU C 32 -2.30 13.71 -0.48
CA LEU C 32 -0.92 14.16 -0.30
C LEU C 32 -0.85 15.05 0.93
N ARG C 33 0.15 14.82 1.77
CA ARG C 33 0.28 15.55 3.04
C ARG C 33 1.64 16.21 3.17
N TRP C 34 1.64 17.45 3.68
CA TRP C 34 2.86 18.18 3.97
C TRP C 34 3.08 18.19 5.47
N PHE C 35 4.34 17.91 5.85
CA PHE C 35 4.75 17.84 7.24
C PHE C 35 5.89 18.81 7.46
N LYS C 36 6.02 19.31 8.68
CA LYS C 36 7.17 20.12 9.07
C LYS C 36 8.00 19.32 10.07
N GLN C 37 9.33 19.36 9.93
CA GLN C 37 10.21 18.67 10.87
C GLN C 37 11.27 19.57 11.48
N ASP C 38 11.00 20.06 12.68
CA ASP C 38 11.97 20.88 13.42
C ASP C 38 13.13 20.02 13.86
N THR C 39 14.28 20.29 13.24
CA THR C 39 15.53 19.59 13.52
C THR C 39 15.64 19.16 15.00
N GLY C 40 15.75 17.86 15.23
CA GLY C 40 15.78 17.30 16.59
C GLY C 40 14.44 16.73 17.06
N LYS C 41 13.35 17.23 16.48
CA LYS C 41 11.99 16.78 16.86
C LYS C 41 11.35 15.92 15.76
N GLY C 42 10.11 15.48 15.99
CA GLY C 42 9.40 14.64 15.04
C GLY C 42 8.66 15.40 13.95
N LEU C 43 7.96 14.66 13.10
CA LEU C 43 7.12 15.26 12.06
C LEU C 43 5.82 15.82 12.64
N VAL C 44 5.32 16.88 12.03
CA VAL C 44 4.05 17.51 12.42
C VAL C 44 3.30 17.96 11.16
N SER C 45 2.03 17.58 11.09
CA SER C 45 1.22 17.85 9.90
C SER C 45 0.84 19.33 9.76
N LEU C 46 0.98 19.83 8.53
CA LEU C 46 0.58 21.19 8.20
C LEU C 46 -0.75 21.22 7.44
N THR C 47 -0.91 20.31 6.49
CA THR C 47 -2.06 20.34 5.58
C THR C 47 -2.23 19.05 4.80
N VAL C 48 -3.47 18.72 4.44
CA VAL C 48 -3.74 17.63 3.49
C VAL C 48 -4.56 18.06 2.28
N LEU C 49 -4.25 17.43 1.15
CA LEU C 49 -4.90 17.74 -0.11
C LEU C 49 -5.53 16.47 -0.69
N VAL C 50 -6.82 16.53 -0.97
CA VAL C 50 -7.59 15.33 -1.32
C VAL C 50 -8.07 15.33 -2.77
N ASP C 51 -8.85 16.33 -3.13
CA ASP C 51 -9.48 16.38 -4.45
C ASP C 51 -8.51 16.42 -5.63
N GLN C 52 -9.01 16.10 -6.83
CA GLN C 52 -8.20 16.00 -8.04
C GLN C 52 -7.46 17.28 -8.37
N LYS C 53 -8.03 18.41 -7.97
CA LYS C 53 -7.41 19.73 -8.08
C LYS C 53 -7.76 20.45 -6.79
N ASP C 54 -6.92 20.27 -5.77
CA ASP C 54 -7.19 20.83 -4.45
C ASP C 54 -6.24 21.99 -4.12
N LYS C 55 -6.66 22.80 -3.15
CA LYS C 55 -5.93 23.98 -2.70
C LYS C 55 -6.35 24.30 -1.27
N THR C 56 -5.42 24.19 -0.32
CA THR C 56 -5.75 24.46 1.08
C THR C 56 -4.97 25.64 1.65
N SER C 57 -5.34 26.04 2.86
CA SER C 57 -4.72 27.17 3.54
C SER C 57 -4.70 26.94 5.04
N ASN C 58 -3.51 26.99 5.62
CA ASN C 58 -3.33 26.94 7.06
C ASN C 58 -2.65 28.22 7.54
N GLY C 59 -3.41 29.31 7.58
CA GLY C 59 -2.87 30.62 7.95
C GLY C 59 -1.83 31.11 6.95
N ARG C 60 -0.56 31.01 7.35
CA ARG C 60 0.56 31.41 6.50
C ARG C 60 0.94 30.33 5.48
N TYR C 61 0.63 29.09 5.82
CA TYR C 61 0.84 27.96 4.92
C TYR C 61 -0.28 27.90 3.87
N SER C 62 0.10 27.64 2.63
CA SER C 62 -0.87 27.43 1.55
C SER C 62 -0.29 26.41 0.56
N ALA C 63 -1.10 25.43 0.18
CA ALA C 63 -0.65 24.32 -0.68
C ALA C 63 -1.59 24.09 -1.86
N THR C 64 -1.06 23.45 -2.91
CA THR C 64 -1.84 23.14 -4.12
C THR C 64 -1.60 21.71 -4.56
N LEU C 65 -2.63 21.05 -5.10
CA LEU C 65 -2.49 19.67 -5.61
C LEU C 65 -2.99 19.48 -7.05
N ASP C 66 -2.21 18.79 -7.87
CA ASP C 66 -2.62 18.45 -9.23
C ASP C 66 -2.28 17.00 -9.57
N LYS C 67 -3.27 16.11 -9.39
CA LYS C 67 -3.09 14.68 -9.66
C LYS C 67 -2.86 14.38 -11.14
N ASP C 68 -3.57 15.09 -12.01
CA ASP C 68 -3.38 14.94 -13.47
C ASP C 68 -1.92 15.13 -13.86
N ALA C 69 -1.20 15.92 -13.08
CA ALA C 69 0.22 16.18 -13.31
C ALA C 69 1.07 15.53 -12.23
N LYS C 70 0.40 14.88 -11.26
CA LYS C 70 1.03 14.28 -10.08
C LYS C 70 2.04 15.21 -9.41
N HIS C 71 1.54 16.34 -8.92
CA HIS C 71 2.38 17.46 -8.46
C HIS C 71 1.71 18.29 -7.37
N SER C 72 2.49 18.66 -6.35
CA SER C 72 2.04 19.60 -5.31
C SER C 72 3.10 20.61 -4.94
N THR C 73 2.65 21.84 -4.66
CA THR C 73 3.54 22.89 -4.16
C THR C 73 3.05 23.47 -2.84
N LEU C 74 3.98 23.70 -1.94
CA LEU C 74 3.71 24.37 -0.69
C LEU C 74 4.31 25.76 -0.75
N HIS C 75 3.48 26.77 -0.49
CA HIS C 75 3.92 28.16 -0.41
C HIS C 75 4.00 28.60 1.05
N ILE C 76 4.99 29.43 1.36
CA ILE C 76 5.03 30.06 2.67
C ILE C 76 5.04 31.58 2.51
N THR C 77 4.00 32.22 3.03
CA THR C 77 3.86 33.67 2.94
C THR C 77 4.48 34.31 4.18
N ALA C 78 5.32 35.33 3.95
CA ALA C 78 6.07 36.03 5.02
C ALA C 78 6.80 35.06 5.94
N THR C 79 7.80 34.38 5.38
CA THR C 79 8.65 33.45 6.12
C THR C 79 9.17 34.04 7.43
N LEU C 80 9.30 33.21 8.45
CA LEU C 80 9.89 33.63 9.71
C LEU C 80 11.18 32.86 9.97
N LEU C 81 11.95 33.29 10.96
CA LEU C 81 13.12 32.54 11.41
C LEU C 81 12.73 31.20 12.05
N ASP C 82 11.51 31.14 12.59
CA ASP C 82 10.94 29.88 13.11
C ASP C 82 10.76 28.79 12.04
N ASP C 83 10.67 29.19 10.78
CA ASP C 83 10.41 28.28 9.67
C ASP C 83 11.60 27.41 9.27
N THR C 84 12.74 27.60 9.91
CA THR C 84 13.92 26.82 9.58
C THR C 84 13.75 25.39 10.07
N ALA C 85 13.29 24.55 9.15
CA ALA C 85 13.02 23.14 9.41
C ALA C 85 13.11 22.35 8.10
N THR C 86 12.82 21.06 8.18
CA THR C 86 12.73 20.23 6.98
C THR C 86 11.26 20.03 6.67
N TYR C 87 10.90 20.20 5.40
CA TYR C 87 9.52 20.04 4.94
C TYR C 87 9.35 18.76 4.12
N ILE C 88 8.47 17.88 4.58
CA ILE C 88 8.34 16.54 4.03
C ILE C 88 6.98 16.30 3.37
N CYS C 89 7.02 15.84 2.13
CA CYS C 89 5.87 15.52 1.32
C CYS C 89 5.54 14.03 1.47
N VAL C 90 4.30 13.70 1.88
CA VAL C 90 3.92 12.27 1.95
C VAL C 90 2.63 11.99 1.19
N VAL C 91 2.66 10.94 0.37
CA VAL C 91 1.50 10.53 -0.42
C VAL C 91 0.91 9.23 0.13
N GLY C 92 -0.43 9.18 0.17
CA GLY C 92 -1.15 8.01 0.68
C GLY C 92 -1.86 7.27 -0.45
N ASP C 93 -1.70 5.96 -0.50
CA ASP C 93 -2.22 5.18 -1.64
C ASP C 93 -3.62 4.59 -1.46
N ARG C 94 -4.23 4.81 -0.30
CA ARG C 94 -5.64 4.49 -0.07
C ARG C 94 -6.31 5.51 0.83
N GLY C 95 -7.65 5.48 0.86
CA GLY C 95 -8.42 6.38 1.72
C GLY C 95 -8.80 5.76 3.05
N SER C 96 -7.95 4.88 3.59
CA SER C 96 -8.25 4.18 4.82
C SER C 96 -7.01 3.54 5.44
N ALA C 97 -7.19 2.99 6.65
CA ALA C 97 -6.15 2.34 7.46
C ALA C 97 -5.25 1.35 6.73
N LEU C 98 -5.75 0.79 5.62
CA LEU C 98 -5.02 -0.22 4.87
C LEU C 98 -3.92 0.37 3.97
N GLY C 99 -3.89 1.71 3.87
CA GLY C 99 -2.98 2.41 2.97
C GLY C 99 -1.52 2.42 3.40
N ARG C 100 -0.63 2.60 2.43
CA ARG C 100 0.78 2.82 2.70
C ARG C 100 1.14 4.28 2.45
N LEU C 101 1.90 4.85 3.37
CA LEU C 101 2.42 6.19 3.22
C LEU C 101 3.78 6.16 2.49
N HIS C 102 4.00 7.16 1.65
CA HIS C 102 5.19 7.24 0.78
C HIS C 102 5.91 8.58 0.96
N PHE C 103 7.07 8.54 1.61
CA PHE C 103 7.72 9.76 2.11
C PHE C 103 8.77 10.32 1.15
N GLY C 104 8.78 11.64 1.02
CA GLY C 104 9.83 12.32 0.27
C GLY C 104 11.01 12.51 1.18
N ALA C 105 12.20 12.66 0.59
CA ALA C 105 13.42 12.88 1.38
C ALA C 105 13.45 14.27 2.02
N GLY C 106 12.51 15.13 1.64
CA GLY C 106 12.34 16.43 2.27
C GLY C 106 13.08 17.58 1.63
N THR C 107 12.67 18.79 1.97
CA THR C 107 13.37 20.02 1.57
C THR C 107 13.87 20.78 2.80
N GLN C 108 15.14 21.15 2.78
CA GLN C 108 15.75 21.86 3.90
C GLN C 108 15.73 23.38 3.66
N LEU C 109 14.85 24.07 4.39
CA LEU C 109 14.68 25.51 4.19
C LEU C 109 15.43 26.31 5.25
N ILE C 110 16.46 27.05 4.83
CA ILE C 110 17.20 27.92 5.76
C ILE C 110 16.73 29.36 5.58
N VAL C 111 16.22 29.95 6.66
CA VAL C 111 15.69 31.32 6.63
C VAL C 111 16.72 32.29 7.21
N ILE C 112 17.44 32.99 6.33
CA ILE C 112 18.51 33.91 6.76
C ILE C 112 17.98 35.25 7.29
N PRO C 113 18.58 35.76 8.38
CA PRO C 113 18.11 37.04 8.95
C PRO C 113 18.57 38.20 8.09
N ASP C 114 17.79 39.26 8.10
CA ASP C 114 18.20 40.49 7.45
C ASP C 114 19.01 41.33 8.44
N ILE C 115 20.12 41.87 7.97
CA ILE C 115 20.93 42.75 8.82
C ILE C 115 21.29 44.06 8.11
N GLN C 116 20.54 45.10 8.45
CA GLN C 116 20.63 46.41 7.79
C GLN C 116 21.95 47.14 8.07
N ASN C 117 22.51 46.90 9.26
CA ASN C 117 23.85 47.38 9.58
C ASN C 117 24.78 46.28 10.14
N PRO C 118 25.71 45.82 9.29
CA PRO C 118 26.73 44.86 9.69
C PRO C 118 27.88 45.57 10.39
N ASP C 119 28.72 44.80 11.08
CA ASP C 119 29.94 45.33 11.67
C ASP C 119 31.03 44.28 11.57
N PRO C 120 31.48 43.97 10.34
CA PRO C 120 32.40 42.85 10.13
C PRO C 120 33.64 43.01 11.01
N ALA C 121 33.94 41.98 11.81
CA ALA C 121 35.08 42.04 12.72
C ALA C 121 35.47 40.64 13.20
N VAL C 122 36.73 40.49 13.56
CA VAL C 122 37.25 39.22 14.09
C VAL C 122 37.96 39.49 15.42
N TYR C 123 37.43 38.91 16.50
CA TYR C 123 37.93 39.18 17.85
C TYR C 123 38.59 37.96 18.46
N GLN C 124 39.65 38.18 19.23
CA GLN C 124 40.33 37.10 19.94
C GLN C 124 39.81 37.00 21.36
N LEU C 125 39.42 35.79 21.75
CA LEU C 125 38.82 35.57 23.07
C LEU C 125 39.68 34.59 23.86
N ARG C 126 39.87 34.86 25.15
CA ARG C 126 40.71 34.00 25.99
C ARG C 126 39.92 33.21 27.02
N ASP C 127 40.35 31.99 27.27
CA ASP C 127 39.67 31.04 28.16
C ASP C 127 39.66 31.50 29.62
N SER C 128 38.45 31.54 30.19
CA SER C 128 38.23 31.93 31.58
C SER C 128 39.12 31.13 32.52
N LYS C 129 39.25 29.83 32.28
CA LYS C 129 40.23 29.01 32.99
C LYS C 129 41.55 29.13 32.24
N SER C 130 42.58 29.63 32.92
CA SER C 130 43.91 29.88 32.34
C SER C 130 44.02 29.65 30.83
N LYS C 133 45.28 29.64 25.77
CA LYS C 133 44.23 29.07 24.93
C LYS C 133 43.16 30.09 24.57
N SER C 134 42.89 30.22 23.26
CA SER C 134 41.97 31.23 22.75
C SER C 134 41.14 30.77 21.56
N VAL C 135 40.13 31.55 21.18
CA VAL C 135 39.43 31.36 19.91
C VAL C 135 39.42 32.64 19.09
N CYS C 136 39.04 32.52 17.82
CA CYS C 136 38.77 33.67 16.98
C CYS C 136 37.28 33.73 16.71
N LEU C 137 36.65 34.86 17.01
CA LEU C 137 35.25 35.06 16.68
C LEU C 137 35.09 36.00 15.49
N PHE C 138 34.61 35.45 14.38
CA PHE C 138 34.20 36.24 13.22
C PHE C 138 32.71 36.57 13.40
N THR C 139 32.35 37.84 13.35
CA THR C 139 30.99 38.24 13.74
C THR C 139 30.49 39.54 13.13
N ASP C 140 29.15 39.67 13.12
CA ASP C 140 28.44 40.87 12.66
C ASP C 140 28.62 41.19 11.18
N PHE C 141 28.94 40.18 10.38
CA PHE C 141 28.92 40.30 8.92
C PHE C 141 27.48 40.09 8.49
N ASP C 142 27.16 40.50 7.27
CA ASP C 142 25.83 40.24 6.73
C ASP C 142 25.73 38.83 6.16
N SER C 143 24.52 38.31 6.08
CA SER C 143 24.28 36.97 5.53
C SER C 143 24.32 36.99 4.00
N GLN C 144 25.31 37.69 3.48
CA GLN C 144 25.67 37.67 2.07
C GLN C 144 27.10 37.14 1.99
N THR C 145 27.64 36.83 3.17
CA THR C 145 28.96 36.24 3.32
C THR C 145 28.81 34.78 3.72
N ASN C 146 29.65 33.92 3.15
CA ASN C 146 29.74 32.54 3.57
C ASN C 146 31.12 32.22 4.15
N VAL C 147 31.14 31.30 5.11
CA VAL C 147 32.38 30.93 5.80
C VAL C 147 32.88 29.56 5.31
N SER C 148 34.03 29.55 4.65
CA SER C 148 34.65 28.31 4.19
C SER C 148 35.25 27.54 5.35
N GLN C 149 35.26 26.22 5.25
CA GLN C 149 35.87 25.38 6.28
C GLN C 149 37.37 25.24 6.02
N SER C 150 38.16 25.34 7.08
CA SER C 150 39.64 25.31 7.02
C SER C 150 40.26 24.37 5.98
N LYS C 151 41.19 24.92 5.19
CA LYS C 151 42.00 24.11 4.28
C LYS C 151 43.33 23.78 4.97
N ASP C 152 43.28 23.68 6.29
CA ASP C 152 44.45 23.44 7.14
C ASP C 152 44.18 22.26 8.07
N SER C 153 45.22 21.45 8.27
CA SER C 153 45.12 20.22 9.07
C SER C 153 44.67 20.49 10.50
N ASP C 154 45.45 21.30 11.23
CA ASP C 154 45.27 21.48 12.67
C ASP C 154 44.29 22.60 13.05
N VAL C 155 43.79 23.32 12.06
CA VAL C 155 42.90 24.47 12.30
C VAL C 155 41.43 24.13 12.05
N TYR C 156 40.57 24.55 12.98
CA TYR C 156 39.14 24.30 12.91
C TYR C 156 38.37 25.58 12.69
N ILE C 157 37.34 25.51 11.86
CA ILE C 157 36.46 26.65 11.58
C ILE C 157 35.02 26.14 11.59
N THR C 158 34.11 26.86 12.25
CA THR C 158 32.70 26.45 12.26
C THR C 158 31.89 27.09 11.14
N ASP C 159 30.60 26.78 11.12
CA ASP C 159 29.66 27.29 10.13
C ASP C 159 29.02 28.59 10.61
N LYS C 160 28.23 29.22 9.74
CA LYS C 160 27.43 30.39 10.13
C LYS C 160 26.41 30.00 11.19
N CYS C 161 26.28 30.85 12.20
CA CYS C 161 25.23 30.67 13.23
C CYS C 161 24.48 32.00 13.48
N VAL C 162 23.16 31.93 13.56
CA VAL C 162 22.31 33.11 13.76
C VAL C 162 21.98 33.32 15.24
N LEU C 163 22.28 34.53 15.72
CA LEU C 163 22.21 34.89 17.14
C LEU C 163 21.13 35.94 17.35
N ASP C 164 20.11 35.60 18.13
CA ASP C 164 18.96 36.51 18.34
C ASP C 164 18.84 37.02 19.77
N MET C 165 19.25 38.27 19.97
CA MET C 165 19.01 38.99 21.22
C MET C 165 17.62 39.60 21.20
N ARG C 166 16.61 38.78 21.52
CA ARG C 166 15.21 39.19 21.47
C ARG C 166 14.88 40.31 22.47
N SER C 167 15.81 40.54 23.40
CA SER C 167 15.72 41.63 24.35
C SER C 167 15.71 42.99 23.66
N MET C 168 16.54 43.14 22.63
CA MET C 168 16.63 44.39 21.88
C MET C 168 16.24 44.26 20.41
N ASP C 169 15.77 43.07 20.02
CA ASP C 169 15.41 42.76 18.62
C ASP C 169 16.61 42.92 17.68
N PHE C 170 17.80 42.67 18.22
CA PHE C 170 19.05 42.73 17.46
C PHE C 170 19.57 41.33 17.16
N LYS C 171 19.99 41.12 15.91
CA LYS C 171 20.44 39.82 15.43
C LYS C 171 21.80 39.90 14.74
N SER C 172 22.63 38.87 14.90
CA SER C 172 23.95 38.84 14.26
C SER C 172 24.43 37.43 13.91
N ASN C 173 25.26 37.36 12.87
CA ASN C 173 25.89 36.11 12.45
C ASN C 173 27.30 35.99 13.00
N SER C 174 27.73 34.76 13.24
CA SER C 174 29.04 34.50 13.85
C SER C 174 29.61 33.13 13.55
N ALA C 175 30.94 33.05 13.51
CA ALA C 175 31.67 31.80 13.29
C ALA C 175 32.97 31.77 14.08
N VAL C 176 33.21 30.66 14.77
CA VAL C 176 34.38 30.50 15.61
C VAL C 176 35.46 29.69 14.93
N ALA C 177 36.70 30.17 14.98
CA ALA C 177 37.86 29.36 14.55
C ALA C 177 38.89 29.22 15.67
N TRP C 178 39.51 28.05 15.76
CA TRP C 178 40.61 27.84 16.72
C TRP C 178 41.67 26.87 16.19
N SER C 179 42.85 26.90 16.80
CA SER C 179 43.97 26.08 16.37
C SER C 179 44.79 25.55 17.54
N ASN C 180 45.19 24.29 17.46
CA ASN C 180 46.13 23.73 18.43
C ASN C 180 47.48 24.43 18.34
N LYS C 181 47.88 24.75 17.11
CA LYS C 181 49.14 25.46 16.82
C LYS C 181 49.23 26.80 17.54
N SER C 182 50.45 27.17 17.92
CA SER C 182 50.70 28.38 18.70
C SER C 182 50.59 29.66 17.85
N ASP C 183 51.36 29.71 16.76
CA ASP C 183 51.49 30.88 15.88
C ASP C 183 50.25 31.20 15.04
N PHE C 184 49.07 31.08 15.65
CA PHE C 184 47.81 31.24 14.95
C PHE C 184 47.22 32.63 15.20
N ALA C 185 47.43 33.52 14.24
CA ALA C 185 46.82 34.86 14.29
C ALA C 185 45.36 34.77 13.86
N CYS C 186 44.52 35.61 14.45
CA CYS C 186 43.12 35.70 14.03
C CYS C 186 42.99 36.42 12.70
N ALA C 187 43.96 37.27 12.40
CA ALA C 187 43.96 38.06 11.18
C ALA C 187 43.92 37.19 9.92
N ASN C 188 44.62 36.06 9.96
CA ASN C 188 44.67 35.12 8.83
C ASN C 188 43.86 33.83 9.04
N ALA C 189 42.93 33.87 9.98
CA ALA C 189 42.18 32.69 10.40
C ALA C 189 41.03 32.34 9.45
N PHE C 190 40.34 33.36 8.95
CA PHE C 190 39.20 33.19 8.06
C PHE C 190 39.54 33.57 6.63
N ASN C 191 40.83 33.75 6.34
CA ASN C 191 41.29 34.06 4.99
C ASN C 191 41.22 32.83 4.09
N ASN C 192 40.33 31.93 4.49
CA ASN C 192 39.91 30.80 3.69
C ASN C 192 38.59 31.18 3.03
N SER C 193 37.94 32.17 3.61
CA SER C 193 36.70 32.73 3.10
C SER C 193 36.97 34.09 2.46
N ILE C 194 35.99 34.60 1.72
CA ILE C 194 36.02 35.98 1.22
C ILE C 194 35.33 36.87 2.24
N ILE C 195 36.12 37.71 2.91
CA ILE C 195 35.59 38.58 3.95
C ILE C 195 35.47 40.03 3.46
N PRO C 196 34.47 40.77 3.98
CA PRO C 196 34.20 42.15 3.57
C PRO C 196 35.42 43.07 3.66
N GLU C 197 35.39 44.16 2.90
CA GLU C 197 36.46 45.16 2.89
C GLU C 197 36.57 45.94 4.21
N ASP C 198 35.47 45.98 4.98
CA ASP C 198 35.38 46.80 6.20
C ASP C 198 35.79 46.05 7.46
N THR C 199 36.19 44.79 7.32
CA THR C 199 36.37 43.92 8.48
C THR C 199 37.43 44.43 9.45
N PHE C 200 37.06 44.47 10.72
CA PHE C 200 37.86 45.05 11.78
C PHE C 200 38.81 44.03 12.40
N PHE C 201 40.10 44.20 12.12
CA PHE C 201 41.15 43.32 12.63
C PHE C 201 42.00 44.03 13.70
N PRO C 202 41.59 43.92 14.97
CA PRO C 202 42.32 44.58 16.06
C PRO C 202 43.63 43.87 16.35
N SER C 203 44.70 44.63 16.57
CA SER C 203 46.00 44.04 16.87
C SER C 203 45.99 43.51 18.31
N PRO C 204 46.56 42.32 18.54
CA PRO C 204 46.61 41.73 19.88
C PRO C 204 47.85 42.09 20.71
N GLU C 205 48.92 42.49 20.01
CA GLU C 205 50.24 42.67 20.61
C GLU C 205 50.23 43.71 21.73
N ALA D 3 0.95 13.09 23.30
CA ALA D 3 0.39 11.97 22.47
C ALA D 3 1.33 10.75 22.38
N VAL D 4 2.39 10.87 21.57
CA VAL D 4 3.30 9.76 21.32
C VAL D 4 4.66 9.95 21.99
N THR D 5 4.99 9.05 22.92
CA THR D 5 6.22 9.15 23.70
C THR D 5 7.20 8.08 23.26
N GLN D 6 8.49 8.42 23.29
CA GLN D 6 9.54 7.46 22.96
C GLN D 6 10.65 7.41 24.02
N SER D 7 11.13 6.21 24.34
CA SER D 7 12.30 6.07 25.20
C SER D 7 13.17 4.88 24.77
N PRO D 8 14.52 5.05 24.85
CA PRO D 8 15.20 6.28 25.20
C PRO D 8 15.23 7.24 24.01
N ARG D 9 15.78 8.44 24.23
CA ARG D 9 15.89 9.43 23.17
C ARG D 9 17.25 9.38 22.49
N ASN D 10 18.28 9.05 23.28
CA ASN D 10 19.62 8.79 22.76
C ASN D 10 20.09 7.44 23.25
N LYS D 11 20.82 6.72 22.40
CA LYS D 11 21.36 5.40 22.77
C LYS D 11 22.64 5.07 22.01
N VAL D 12 23.57 4.41 22.71
CA VAL D 12 24.86 4.01 22.15
C VAL D 12 25.08 2.53 22.39
N ALA D 13 25.29 1.77 21.31
CA ALA D 13 25.38 0.31 21.40
C ALA D 13 26.68 -0.24 20.80
N VAL D 14 26.95 -1.52 21.05
CA VAL D 14 28.09 -2.19 20.44
C VAL D 14 27.54 -3.16 19.41
N THR D 15 28.37 -3.53 18.43
CA THR D 15 27.99 -4.55 17.46
C THR D 15 27.72 -5.84 18.23
N GLY D 16 26.51 -6.37 18.07
CA GLY D 16 26.10 -7.60 18.75
C GLY D 16 25.35 -7.42 20.05
N GLY D 17 25.03 -6.18 20.41
CA GLY D 17 24.27 -5.89 21.63
C GLY D 17 22.78 -5.89 21.40
N LYS D 18 22.01 -5.90 22.48
CA LYS D 18 20.56 -5.86 22.42
C LYS D 18 20.05 -4.46 22.71
N VAL D 19 19.10 -4.01 21.91
CA VAL D 19 18.55 -2.66 22.02
C VAL D 19 17.03 -2.72 21.82
N THR D 20 16.29 -2.31 22.84
CA THR D 20 14.83 -2.18 22.75
C THR D 20 14.46 -0.70 22.66
N LEU D 21 13.62 -0.35 21.69
CA LEU D 21 13.15 1.04 21.57
C LEU D 21 11.65 1.10 21.84
N SER D 22 11.26 1.91 22.81
CA SER D 22 9.89 1.88 23.31
C SER D 22 9.03 3.03 22.82
N CYS D 23 7.88 2.69 22.28
CA CYS D 23 6.87 3.66 21.89
C CYS D 23 5.68 3.52 22.81
N ASN D 24 4.98 4.64 23.06
CA ASN D 24 3.80 4.65 23.92
C ASN D 24 2.79 5.69 23.45
N GLN D 25 1.50 5.31 23.44
CA GLN D 25 0.44 6.21 22.99
C GLN D 25 -0.83 6.13 23.83
N THR D 26 -1.37 7.30 24.14
CA THR D 26 -2.60 7.43 24.94
C THR D 26 -3.80 7.78 24.07
N ASN D 27 -3.61 7.72 22.76
CA ASN D 27 -4.62 8.10 21.79
C ASN D 27 -5.67 7.02 21.57
N ASN D 28 -5.32 5.78 21.93
CA ASN D 28 -6.19 4.62 21.75
C ASN D 28 -6.38 4.21 20.28
N HIS D 29 -5.37 4.49 19.45
CA HIS D 29 -5.38 4.04 18.07
C HIS D 29 -5.02 2.55 18.01
N ASN D 30 -5.28 1.93 16.87
CA ASN D 30 -4.93 0.53 16.70
C ASN D 30 -3.62 0.36 15.97
N ASN D 31 -3.42 1.15 14.91
CA ASN D 31 -2.25 1.00 14.06
C ASN D 31 -1.00 1.74 14.56
N MET D 32 0.06 0.99 14.82
CA MET D 32 1.33 1.58 15.19
C MET D 32 2.43 1.20 14.20
N TYR D 33 3.32 2.13 13.91
CA TYR D 33 4.34 1.97 12.87
C TYR D 33 5.75 2.24 13.40
N TRP D 34 6.77 1.72 12.74
CA TRP D 34 8.17 2.04 13.06
C TRP D 34 8.92 2.42 11.80
N TYR D 35 9.25 3.69 11.66
CA TYR D 35 10.11 4.14 10.56
C TYR D 35 11.53 4.39 11.03
N ARG D 36 12.45 4.47 10.08
CA ARG D 36 13.79 4.98 10.34
C ARG D 36 14.18 6.01 9.29
N GLN D 37 14.92 7.02 9.72
CA GLN D 37 15.24 8.17 8.88
C GLN D 37 16.72 8.26 8.62
N ASP D 38 17.09 8.33 7.35
CA ASP D 38 18.49 8.50 6.97
C ASP D 38 18.54 9.49 5.82
N THR D 39 19.61 10.29 5.75
CA THR D 39 19.70 11.37 4.75
C THR D 39 19.48 10.85 3.33
N GLY D 40 18.73 11.62 2.55
CA GLY D 40 18.41 11.26 1.18
C GLY D 40 17.38 10.15 1.04
N HIS D 41 16.73 9.76 2.13
CA HIS D 41 15.77 8.67 2.04
C HIS D 41 14.29 9.01 2.18
N GLY D 42 13.92 9.77 3.20
CA GLY D 42 12.51 9.85 3.57
C GLY D 42 12.25 8.63 4.43
N LEU D 43 11.21 8.69 5.27
CA LEU D 43 10.98 7.64 6.26
C LEU D 43 10.77 6.27 5.62
N ARG D 44 11.28 5.23 6.29
CA ARG D 44 11.19 3.88 5.80
C ARG D 44 10.62 2.92 6.84
N LEU D 45 9.56 2.23 6.46
CA LEU D 45 8.84 1.34 7.36
C LEU D 45 9.61 0.03 7.64
N ILE D 46 9.80 -0.27 8.92
CA ILE D 46 10.48 -1.49 9.35
C ILE D 46 9.45 -2.54 9.76
N HIS D 47 8.53 -2.14 10.63
CA HIS D 47 7.53 -3.03 11.22
C HIS D 47 6.29 -2.21 11.57
N TYR D 48 5.12 -2.83 11.43
CA TYR D 48 3.86 -2.18 11.76
C TYR D 48 2.87 -3.11 12.47
N SER D 49 1.77 -2.57 12.99
CA SER D 49 0.85 -3.33 13.85
C SER D 49 -0.62 -2.91 13.78
N TYR D 50 -1.51 -3.89 13.84
CA TYR D 50 -2.95 -3.66 13.75
C TYR D 50 -3.71 -3.80 15.08
N GLY D 51 -2.95 -3.88 16.17
CA GLY D 51 -3.56 -4.03 17.49
C GLY D 51 -2.73 -4.88 18.41
N ALA D 52 -3.23 -5.08 19.63
CA ALA D 52 -2.53 -5.83 20.66
C ALA D 52 -2.25 -7.27 20.20
N GLY D 53 -0.99 -7.67 20.30
CA GLY D 53 -0.60 -9.06 20.04
C GLY D 53 -0.28 -9.33 18.58
N SER D 54 -0.48 -8.34 17.73
CA SER D 54 -0.21 -8.47 16.30
C SER D 54 1.02 -7.67 15.93
N THR D 55 1.76 -8.16 14.95
CA THR D 55 3.01 -7.53 14.52
C THR D 55 3.21 -7.86 13.04
N GLU D 56 3.83 -6.95 12.29
CA GLU D 56 3.94 -7.11 10.84
C GLU D 56 5.26 -6.60 10.26
N LYS D 57 5.69 -7.22 9.16
CA LYS D 57 6.89 -6.77 8.48
C LYS D 57 6.62 -5.56 7.61
N GLY D 58 7.47 -4.54 7.72
CA GLY D 58 7.41 -3.38 6.83
C GLY D 58 8.21 -3.71 5.59
N ASP D 59 8.82 -2.70 4.97
CA ASP D 59 9.59 -2.90 3.74
C ASP D 59 11.04 -3.27 4.03
N ILE D 60 11.53 -2.90 5.21
CA ILE D 60 12.92 -3.13 5.58
C ILE D 60 13.09 -3.74 6.98
N PRO D 61 12.45 -4.90 7.25
CA PRO D 61 12.41 -5.37 8.64
C PRO D 61 13.64 -6.17 9.06
N ASP D 62 14.59 -6.37 8.15
CA ASP D 62 15.79 -7.17 8.40
C ASP D 62 16.65 -6.63 9.52
N GLY D 63 16.81 -7.43 10.56
CA GLY D 63 17.62 -7.07 11.72
C GLY D 63 16.77 -6.70 12.91
N TYR D 64 15.47 -6.58 12.67
CA TYR D 64 14.54 -6.07 13.67
C TYR D 64 13.41 -7.07 13.92
N LYS D 65 13.19 -7.41 15.18
CA LYS D 65 11.92 -8.00 15.58
C LYS D 65 11.17 -6.92 16.34
N ALA D 66 9.86 -6.83 16.12
CA ALA D 66 9.00 -5.93 16.88
C ALA D 66 8.07 -6.72 17.79
N SER D 67 7.41 -6.04 18.73
CA SER D 67 6.36 -6.66 19.56
C SER D 67 5.33 -5.65 20.09
N ARG D 68 4.06 -6.03 20.06
CA ARG D 68 2.96 -5.21 20.57
C ARG D 68 2.22 -5.93 21.71
N PRO D 69 2.70 -5.77 22.95
CA PRO D 69 2.05 -6.40 24.11
C PRO D 69 0.61 -5.90 24.35
N SER D 70 0.38 -4.61 24.11
CA SER D 70 -0.93 -4.03 24.33
C SER D 70 -1.22 -2.89 23.35
N GLN D 71 -2.49 -2.48 23.32
CA GLN D 71 -2.93 -1.31 22.56
C GLN D 71 -1.96 -0.16 22.69
N GLU D 72 -1.43 0.02 23.89
CA GLU D 72 -0.62 1.20 24.25
C GLU D 72 0.86 1.19 23.83
N ASN D 73 1.52 0.03 23.87
CA ASN D 73 2.98 -0.02 23.69
C ASN D 73 3.46 -0.83 22.48
N PHE D 74 4.43 -0.30 21.75
CA PHE D 74 4.98 -0.98 20.58
C PHE D 74 6.50 -0.86 20.54
N SER D 75 7.18 -1.89 21.01
CA SER D 75 8.64 -1.92 21.04
C SER D 75 9.26 -2.40 19.74
N LEU D 76 10.35 -1.76 19.34
CA LEU D 76 11.22 -2.27 18.30
C LEU D 76 12.47 -2.85 18.96
N ILE D 77 12.75 -4.12 18.69
CA ILE D 77 13.86 -4.83 19.31
C ILE D 77 14.98 -5.15 18.32
N LEU D 78 16.22 -4.86 18.71
CA LEU D 78 17.39 -5.15 17.89
C LEU D 78 18.24 -6.19 18.61
N GLU D 79 18.07 -7.45 18.20
CA GLU D 79 18.72 -8.59 18.84
C GLU D 79 20.23 -8.54 18.72
N LEU D 80 20.71 -8.29 17.51
CA LEU D 80 22.15 -8.23 17.26
C LEU D 80 22.50 -6.95 16.52
N ALA D 81 22.71 -5.88 17.30
CA ALA D 81 22.97 -4.56 16.76
C ALA D 81 24.16 -4.55 15.81
N THR D 82 24.04 -3.75 14.74
CA THR D 82 25.10 -3.61 13.74
C THR D 82 25.25 -2.16 13.30
N PRO D 83 26.48 -1.73 12.94
CA PRO D 83 26.70 -0.37 12.45
C PRO D 83 25.60 0.16 11.53
N SER D 84 25.17 -0.65 10.55
CA SER D 84 24.07 -0.29 9.63
C SER D 84 22.83 0.27 10.32
N GLN D 85 22.62 -0.11 11.58
CA GLN D 85 21.42 0.24 12.32
C GLN D 85 21.53 1.58 13.08
N THR D 86 22.62 2.30 12.82
CA THR D 86 22.78 3.68 13.25
C THR D 86 21.80 4.54 12.46
N SER D 87 20.83 5.14 13.15
CA SER D 87 19.77 5.91 12.50
C SER D 87 18.99 6.77 13.50
N VAL D 88 17.99 7.49 12.99
CA VAL D 88 16.97 8.06 13.85
C VAL D 88 15.66 7.33 13.58
N TYR D 89 15.08 6.77 14.64
CA TYR D 89 13.86 5.96 14.54
C TYR D 89 12.66 6.75 15.06
N PHE D 90 11.55 6.69 14.31
CA PHE D 90 10.28 7.31 14.71
C PHE D 90 9.20 6.25 14.71
N CYS D 91 8.45 6.17 15.80
CA CYS D 91 7.20 5.43 15.77
C CYS D 91 6.06 6.42 15.57
N ALA D 92 5.01 5.97 14.92
CA ALA D 92 3.81 6.78 14.72
C ALA D 92 2.60 5.95 15.01
N SER D 93 1.53 6.61 15.46
CA SER D 93 0.24 6.00 15.73
C SER D 93 -0.79 6.59 14.78
N GLY D 94 -1.86 5.84 14.50
CA GLY D 94 -3.00 6.41 13.77
C GLY D 94 -3.52 5.64 12.56
N ASP D 95 -4.51 6.23 11.88
CA ASP D 95 -5.18 5.61 10.74
C ASP D 95 -5.09 6.48 9.48
N ALA D 96 -3.98 6.38 8.74
CA ALA D 96 -3.83 7.11 7.47
C ALA D 96 -2.91 6.37 6.49
N GLN D 103 -1.87 9.85 10.73
CA GLN D 103 -0.75 9.38 11.56
C GLN D 103 -0.14 10.50 12.42
N PHE D 104 0.43 10.12 13.57
CA PHE D 104 0.95 11.06 14.56
C PHE D 104 2.31 10.54 15.05
N PHE D 105 3.35 11.36 14.95
CA PHE D 105 4.72 10.85 15.11
C PHE D 105 5.43 11.24 16.39
N GLY D 106 6.15 10.28 16.97
CA GLY D 106 6.96 10.52 18.18
C GLY D 106 8.18 11.39 17.92
N PRO D 107 8.80 11.89 19.01
CA PRO D 107 9.91 12.84 18.93
C PRO D 107 11.25 12.21 18.51
N GLY D 108 11.26 10.90 18.25
CA GLY D 108 12.41 10.23 17.66
C GLY D 108 13.47 9.74 18.64
N THR D 109 14.15 8.67 18.24
CA THR D 109 15.25 8.11 19.00
C THR D 109 16.49 8.04 18.11
N ARG D 110 17.61 8.50 18.65
CA ARG D 110 18.86 8.52 17.92
C ARG D 110 19.77 7.40 18.44
N LEU D 111 20.06 6.43 17.58
CA LEU D 111 20.88 5.28 17.95
C LEU D 111 22.18 5.19 17.14
N THR D 112 23.28 4.93 17.85
CA THR D 112 24.54 4.57 17.19
C THR D 112 24.97 3.17 17.62
N VAL D 113 25.41 2.40 16.64
CA VAL D 113 26.05 1.15 16.92
C VAL D 113 27.49 1.30 16.46
N LEU D 114 28.42 0.98 17.36
CA LEU D 114 29.83 1.15 17.10
C LEU D 114 30.52 -0.20 17.07
N GLU D 115 31.52 -0.32 16.19
CA GLU D 115 32.38 -1.50 16.12
C GLU D 115 32.87 -1.91 17.52
N ASP D 116 33.40 -0.93 18.25
CA ASP D 116 33.94 -1.15 19.59
C ASP D 116 33.74 0.11 20.44
N LEU D 117 33.53 -0.11 21.75
CA LEU D 117 33.35 0.99 22.70
C LEU D 117 34.66 1.67 23.09
N LYS D 118 35.78 1.19 22.53
CA LYS D 118 37.12 1.68 22.85
C LYS D 118 37.32 3.18 22.63
N ASN D 119 36.66 3.73 21.62
CA ASN D 119 36.88 5.12 21.22
C ASN D 119 35.85 6.14 21.74
N VAL D 120 34.94 5.70 22.61
CA VAL D 120 33.91 6.58 23.17
C VAL D 120 34.52 7.50 24.22
N PHE D 121 34.24 8.80 24.09
CA PHE D 121 34.82 9.81 24.98
C PHE D 121 33.83 10.90 25.38
N PRO D 122 33.90 11.39 26.65
CA PRO D 122 33.10 12.54 27.05
C PRO D 122 33.70 13.81 26.47
N PRO D 123 32.92 14.89 26.39
CA PRO D 123 33.51 16.14 25.92
C PRO D 123 34.37 16.85 26.98
N GLU D 124 35.33 17.65 26.52
CA GLU D 124 35.98 18.64 27.37
C GLU D 124 35.39 19.99 27.01
N VAL D 125 34.91 20.70 28.03
CA VAL D 125 34.19 21.97 27.83
C VAL D 125 35.00 23.17 28.34
N ALA D 126 34.98 24.26 27.58
CA ALA D 126 35.70 25.49 27.92
C ALA D 126 34.94 26.74 27.48
N VAL D 127 34.89 27.74 28.37
CA VAL D 127 34.30 29.04 28.07
C VAL D 127 35.41 30.03 27.77
N PHE D 128 35.21 30.81 26.71
CA PHE D 128 36.14 31.87 26.31
C PHE D 128 35.50 33.22 26.59
N GLU D 129 36.24 34.07 27.28
CA GLU D 129 35.73 35.36 27.78
C GLU D 129 35.68 36.41 26.67
N PRO D 130 34.66 37.28 26.69
CA PRO D 130 34.46 38.30 25.66
C PRO D 130 35.68 39.19 25.45
N SER D 131 35.95 39.50 24.19
CA SER D 131 37.08 40.35 23.82
C SER D 131 36.86 41.82 24.23
N GLU D 132 37.94 42.46 24.71
CA GLU D 132 37.90 43.88 25.08
C GLU D 132 37.53 44.72 23.86
N ALA D 133 38.20 44.45 22.74
CA ALA D 133 37.93 45.13 21.46
C ALA D 133 36.46 45.09 21.07
N GLU D 134 35.80 43.98 21.35
CA GLU D 134 34.36 43.82 21.04
C GLU D 134 33.49 44.70 21.94
N ILE D 135 33.89 44.85 23.19
CA ILE D 135 33.16 45.68 24.15
C ILE D 135 33.21 47.16 23.76
N SER D 136 34.40 47.64 23.41
CA SER D 136 34.61 49.03 22.98
C SER D 136 33.89 49.33 21.68
N HIS D 137 33.93 48.37 20.76
CA HIS D 137 33.46 48.59 19.41
C HIS D 137 31.95 48.43 19.25
N THR D 138 31.36 47.53 20.03
CA THR D 138 29.95 47.16 19.84
C THR D 138 29.07 47.31 21.06
N GLN D 139 29.70 47.56 22.22
CA GLN D 139 28.97 47.68 23.49
C GLN D 139 28.31 46.36 23.90
N LYS D 140 28.62 45.30 23.16
CA LYS D 140 28.12 43.96 23.42
C LYS D 140 29.32 43.06 23.70
N ALA D 141 29.07 41.97 24.44
CA ALA D 141 30.12 41.01 24.80
C ALA D 141 29.69 39.57 24.54
N THR D 142 30.48 38.84 23.75
CA THR D 142 30.16 37.45 23.41
C THR D 142 31.09 36.45 24.09
N LEU D 143 30.52 35.65 24.99
CA LEU D 143 31.20 34.46 25.51
C LEU D 143 31.07 33.38 24.45
N VAL D 144 32.04 32.46 24.41
CA VAL D 144 32.01 31.38 23.43
C VAL D 144 32.33 30.07 24.13
N CYS D 145 31.43 29.10 23.96
CA CYS D 145 31.62 27.77 24.53
C CYS D 145 32.21 26.79 23.53
N LEU D 146 33.00 25.85 24.03
CA LEU D 146 33.71 24.91 23.16
C LEU D 146 33.79 23.52 23.77
N ALA D 147 33.00 22.60 23.21
CA ALA D 147 33.02 21.19 23.57
C ALA D 147 33.91 20.45 22.58
N THR D 148 34.89 19.73 23.11
CA THR D 148 35.96 19.16 22.29
C THR D 148 36.30 17.71 22.65
N GLY D 149 36.75 16.95 21.65
CA GLY D 149 37.28 15.60 21.85
C GLY D 149 36.31 14.51 22.24
N PHE D 150 35.02 14.72 21.98
CA PHE D 150 34.00 13.74 22.31
C PHE D 150 33.61 12.86 21.12
N TYR D 151 33.09 11.67 21.44
CA TYR D 151 32.72 10.63 20.48
C TYR D 151 31.76 9.66 21.18
N PRO D 152 30.59 9.40 20.57
CA PRO D 152 30.07 9.92 19.30
C PRO D 152 29.25 11.20 19.49
N ASP D 153 28.73 11.75 18.39
CA ASP D 153 28.18 13.12 18.36
C ASP D 153 26.83 13.36 19.06
N HIS D 154 26.51 12.51 20.04
CA HIS D 154 25.29 12.67 20.86
C HIS D 154 25.48 13.70 21.98
N VAL D 155 25.34 14.98 21.66
CA VAL D 155 25.43 16.05 22.67
C VAL D 155 24.30 17.08 22.62
N GLU D 156 23.84 17.50 23.79
CA GLU D 156 22.92 18.63 23.91
C GLU D 156 23.63 19.75 24.70
N LEU D 157 23.57 20.97 24.17
CA LEU D 157 24.30 22.12 24.74
C LEU D 157 23.36 23.25 25.15
N SER D 158 23.47 23.67 26.40
CA SER D 158 22.64 24.75 26.96
C SER D 158 23.48 25.87 27.58
N TRP D 159 22.89 27.07 27.66
CA TRP D 159 23.52 28.22 28.34
C TRP D 159 22.73 28.59 29.61
N TRP D 160 23.47 28.75 30.71
CA TRP D 160 22.88 29.01 32.01
C TRP D 160 23.41 30.33 32.58
N VAL D 161 22.49 31.20 33.00
CA VAL D 161 22.85 32.52 33.53
C VAL D 161 22.22 32.76 34.89
N ASN D 162 23.08 32.95 35.90
CA ASN D 162 22.67 33.12 37.31
C ASN D 162 21.85 31.96 37.89
N GLY D 163 22.01 30.78 37.31
CA GLY D 163 21.29 29.59 37.75
C GLY D 163 19.98 29.34 37.03
N LYS D 164 19.80 29.96 35.87
CA LYS D 164 18.60 29.77 35.04
C LYS D 164 18.91 29.77 33.55
N GLU D 165 18.40 28.77 32.85
CA GLU D 165 18.70 28.56 31.43
C GLU D 165 18.13 29.68 30.56
N VAL D 166 19.02 30.27 29.76
CA VAL D 166 18.65 31.35 28.86
C VAL D 166 18.48 30.82 27.45
N HIS D 167 17.73 31.57 26.66
CA HIS D 167 17.59 31.28 25.23
C HIS D 167 17.94 32.53 24.43
N SER D 168 17.66 33.70 24.98
CA SER D 168 17.95 34.96 24.33
C SER D 168 19.45 35.07 24.08
N GLY D 169 19.82 35.52 22.89
CA GLY D 169 21.21 35.73 22.49
C GLY D 169 22.10 34.51 22.53
N VAL D 170 21.53 33.34 22.25
CA VAL D 170 22.28 32.09 22.25
C VAL D 170 22.41 31.55 20.83
N CYS D 171 23.53 30.85 20.58
CA CYS D 171 23.83 30.28 19.29
C CYS D 171 24.52 28.95 19.52
N THR D 172 24.18 27.95 18.72
CA THR D 172 24.94 26.69 18.68
C THR D 172 24.94 26.19 17.24
N ASP D 173 26.08 25.67 16.80
CA ASP D 173 26.20 25.15 15.43
C ASP D 173 25.10 24.12 15.17
N PRO D 174 24.61 24.03 13.91
CA PRO D 174 23.64 22.99 13.55
C PRO D 174 24.28 21.61 13.69
N GLN D 175 25.55 21.53 13.29
CA GLN D 175 26.31 20.29 13.26
C GLN D 175 27.54 20.40 14.14
N PRO D 176 27.90 19.30 14.82
CA PRO D 176 29.28 19.23 15.29
C PRO D 176 30.21 19.17 14.08
N LEU D 177 31.52 19.25 14.32
CA LEU D 177 32.46 19.07 13.23
C LEU D 177 33.57 18.12 13.64
N LYS D 178 34.05 17.35 12.67
CA LYS D 178 35.09 16.37 12.89
C LYS D 178 36.40 17.09 13.18
N GLU D 179 37.07 16.67 14.24
CA GLU D 179 38.37 17.24 14.61
C GLU D 179 39.47 16.76 13.67
N GLN D 180 39.22 15.63 13.01
CA GLN D 180 40.05 15.15 11.92
C GLN D 180 39.14 14.60 10.82
N PRO D 181 38.90 15.41 9.77
CA PRO D 181 37.90 15.08 8.74
C PRO D 181 38.22 13.81 7.94
N ALA D 182 39.51 13.51 7.77
CA ALA D 182 39.96 12.37 6.97
C ALA D 182 39.75 11.02 7.65
N LEU D 183 40.06 10.95 8.96
CA LEU D 183 39.88 9.71 9.73
C LEU D 183 38.39 9.43 10.00
N ASN D 184 38.03 8.15 9.88
CA ASN D 184 36.63 7.73 9.92
C ASN D 184 36.03 7.62 11.34
N ASP D 185 36.90 7.39 12.33
CA ASP D 185 36.46 7.28 13.72
C ASP D 185 36.74 8.58 14.49
N SER D 186 36.91 9.67 13.75
CA SER D 186 37.33 10.96 14.33
C SER D 186 36.46 11.43 15.48
N ARG D 187 37.08 12.20 16.38
CA ARG D 187 36.36 12.84 17.48
C ARG D 187 35.68 14.11 16.99
N TYR D 188 34.73 14.61 17.78
CA TYR D 188 33.90 15.74 17.37
C TYR D 188 34.10 16.97 18.25
N ALA D 189 33.69 18.13 17.75
CA ALA D 189 33.62 19.36 18.55
C ALA D 189 32.40 20.19 18.18
N LEU D 190 31.83 20.88 19.17
CA LEU D 190 30.66 21.72 18.97
C LEU D 190 30.86 23.06 19.67
N SER D 191 30.66 24.16 18.95
CA SER D 191 30.80 25.50 19.55
C SER D 191 29.42 26.07 19.85
N SER D 192 29.40 27.09 20.72
CA SER D 192 28.18 27.80 21.05
C SER D 192 28.51 29.21 21.47
N ARG D 193 27.66 30.16 21.10
CA ARG D 193 27.88 31.56 21.45
C ARG D 193 26.78 32.11 22.35
N LEU D 194 27.18 32.93 23.33
CA LEU D 194 26.24 33.71 24.11
C LEU D 194 26.70 35.16 24.14
N ARG D 195 25.90 36.04 23.54
CA ARG D 195 26.20 37.48 23.51
C ARG D 195 25.20 38.22 24.37
N VAL D 196 25.71 39.07 25.25
CA VAL D 196 24.89 40.01 26.04
C VAL D 196 25.52 41.40 26.01
N SER D 197 24.86 42.36 26.65
CA SER D 197 25.37 43.73 26.72
C SER D 197 26.67 43.80 27.52
N ALA D 198 27.54 44.72 27.13
CA ALA D 198 28.77 44.95 27.87
C ALA D 198 28.45 45.09 29.36
N THR D 199 27.58 46.04 29.69
CA THR D 199 27.21 46.35 31.08
C THR D 199 26.68 45.14 31.86
N PHE D 200 26.06 44.19 31.15
CA PHE D 200 25.62 42.94 31.78
C PHE D 200 26.81 42.04 32.14
N TRP D 201 27.74 41.91 31.20
CA TRP D 201 28.98 41.16 31.42
C TRP D 201 29.92 41.87 32.42
N GLN D 202 29.89 43.20 32.43
CA GLN D 202 30.77 43.99 33.29
C GLN D 202 30.39 43.88 34.77
N ASN D 203 29.19 43.39 35.03
CA ASN D 203 28.73 43.14 36.38
C ASN D 203 29.37 41.85 36.92
N PRO D 204 30.17 41.95 38.00
CA PRO D 204 30.79 40.76 38.60
C PRO D 204 29.81 39.81 39.31
N ARG D 205 28.65 40.34 39.72
CA ARG D 205 27.61 39.54 40.37
C ARG D 205 27.02 38.44 39.48
N ASN D 206 27.06 38.66 38.16
CA ASN D 206 26.50 37.71 37.19
C ASN D 206 27.32 36.44 37.03
N HIS D 207 26.62 35.31 36.92
CA HIS D 207 27.27 34.02 36.69
C HIS D 207 26.88 33.41 35.34
N PHE D 208 27.88 32.90 34.62
CA PHE D 208 27.67 32.24 33.33
C PHE D 208 28.20 30.81 33.35
N ARG D 209 27.36 29.87 32.93
CA ARG D 209 27.75 28.46 32.84
C ARG D 209 27.30 27.77 31.56
N CYS D 210 28.27 27.19 30.86
CA CYS D 210 28.00 26.39 29.69
C CYS D 210 27.85 24.92 30.09
N GLN D 211 26.74 24.32 29.67
CA GLN D 211 26.46 22.94 30.01
C GLN D 211 26.30 22.07 28.77
N VAL D 212 27.09 21.01 28.71
CA VAL D 212 27.00 20.02 27.63
C VAL D 212 26.60 18.67 28.21
N GLN D 213 25.48 18.13 27.73
CA GLN D 213 25.04 16.77 28.11
C GLN D 213 25.55 15.77 27.09
N PHE D 214 26.29 14.77 27.56
CA PHE D 214 26.86 13.75 26.70
C PHE D 214 26.25 12.38 26.96
N TYR D 215 25.96 11.66 25.88
CA TYR D 215 25.40 10.31 25.96
C TYR D 215 26.43 9.25 25.61
N GLY D 216 26.67 8.35 26.57
CA GLY D 216 27.66 7.29 26.40
C GLY D 216 27.16 5.95 26.88
N LEU D 217 27.84 5.42 27.89
CA LEU D 217 27.51 4.10 28.42
C LEU D 217 26.56 4.23 29.61
N SER D 218 25.89 3.13 29.98
CA SER D 218 24.95 3.16 31.11
C SER D 218 25.42 2.26 32.26
N GLU D 219 24.51 2.00 33.21
CA GLU D 219 24.78 1.15 34.36
C GLU D 219 25.43 -0.16 33.94
N ASN D 220 24.66 -0.97 33.20
CA ASN D 220 25.07 -2.32 32.81
C ASN D 220 25.87 -2.38 31.50
N ASP D 221 26.98 -1.66 31.46
CA ASP D 221 27.90 -1.72 30.32
C ASP D 221 29.28 -2.15 30.79
N GLU D 222 29.79 -3.25 30.23
CA GLU D 222 31.11 -3.77 30.61
C GLU D 222 32.20 -2.78 30.21
N TRP D 223 33.04 -2.42 31.18
CA TRP D 223 34.19 -1.57 30.94
C TRP D 223 35.41 -2.12 31.65
N THR D 224 36.34 -2.63 30.85
CA THR D 224 37.55 -3.28 31.34
C THR D 224 38.79 -2.40 31.15
N GLN D 225 38.66 -1.39 30.28
CA GLN D 225 39.76 -0.47 29.93
C GLN D 225 40.27 0.33 31.13
N ASP D 226 41.37 1.04 30.94
CA ASP D 226 42.08 1.69 32.04
C ASP D 226 41.47 3.02 32.46
N ARG D 227 41.27 3.91 31.48
CA ARG D 227 40.66 5.22 31.72
C ARG D 227 39.27 5.16 32.34
N ALA D 228 38.80 6.31 32.83
CA ALA D 228 37.48 6.41 33.44
C ALA D 228 36.37 6.07 32.44
N LYS D 229 35.31 5.45 32.96
CA LYS D 229 34.19 5.01 32.16
C LYS D 229 33.42 6.21 31.56
N PRO D 230 33.31 6.26 30.21
CA PRO D 230 32.66 7.36 29.51
C PRO D 230 31.14 7.23 29.53
N VAL D 231 30.59 7.23 30.74
CA VAL D 231 29.16 7.14 30.97
C VAL D 231 28.42 8.37 30.46
N THR D 232 27.10 8.25 30.32
CA THR D 232 26.26 9.40 30.01
C THR D 232 26.34 10.38 31.18
N GLN D 233 26.86 11.57 30.90
CA GLN D 233 27.20 12.53 31.94
C GLN D 233 27.03 13.96 31.48
N ILE D 234 27.06 14.90 32.44
CA ILE D 234 27.08 16.33 32.15
C ILE D 234 28.47 16.90 32.44
N VAL D 235 29.02 17.62 31.47
CA VAL D 235 30.26 18.37 31.65
C VAL D 235 29.98 19.87 31.49
N SER D 236 30.51 20.67 32.43
CA SER D 236 30.28 22.11 32.45
C SER D 236 31.58 22.92 32.55
N ALA D 237 31.60 24.06 31.88
CA ALA D 237 32.58 25.11 32.14
C ALA D 237 31.84 26.40 32.54
N GLU D 238 32.55 27.34 33.16
CA GLU D 238 31.89 28.51 33.74
C GLU D 238 32.74 29.79 33.80
N ALA D 239 32.05 30.94 33.85
CA ALA D 239 32.69 32.25 33.99
C ALA D 239 31.85 33.26 34.79
N TRP D 240 32.52 34.23 35.41
CA TRP D 240 31.86 35.35 36.09
C TRP D 240 32.11 36.66 35.35
N GLY D 241 31.26 37.65 35.59
CA GLY D 241 31.46 38.98 35.03
C GLY D 241 32.62 39.73 35.68
N ARG D 242 33.05 40.81 35.03
CA ARG D 242 34.16 41.63 35.54
C ARG D 242 34.11 43.07 35.05
N ALA D 243 34.45 44.00 35.94
CA ALA D 243 34.65 45.40 35.55
C ALA D 243 36.07 45.60 35.01
N ASP D 244 36.91 44.58 35.20
CA ASP D 244 38.32 44.53 34.77
C ASP D 244 39.29 45.00 35.87
C1 NAG E . -26.73 6.01 -5.78
C2 NAG E . -26.45 7.43 -5.29
C3 NAG E . -26.53 7.51 -3.76
C4 NAG E . -27.68 6.73 -3.10
C5 NAG E . -28.04 5.44 -3.87
C6 NAG E . -29.43 4.88 -3.53
C7 NAG E . -24.96 8.79 -6.67
C8 NAG E . -23.69 9.58 -6.58
N2 NAG E . -25.14 7.88 -5.71
O3 NAG E . -26.55 8.86 -3.34
O4 NAG E . -27.11 6.40 -1.86
O5 NAG E . -27.99 5.60 -5.27
O6 NAG E . -30.45 5.77 -3.94
O7 NAG E . -25.75 9.00 -7.59
C1 NAG E . -27.89 6.52 -0.64
C2 NAG E . -28.11 7.93 -0.06
C3 NAG E . -28.53 7.74 1.40
C4 NAG E . -29.77 6.83 1.46
C5 NAG E . -29.46 5.51 0.73
C6 NAG E . -30.59 4.49 0.75
C7 NAG E . -26.87 10.02 -0.30
C8 NAG E . -25.52 10.64 -0.59
N2 NAG E . -26.90 8.70 -0.16
O3 NAG E . -28.74 8.96 2.08
O4 NAG E . -30.14 6.58 2.80
O5 NAG E . -29.09 5.78 -0.61
O6 NAG E . -30.05 3.26 0.29
O7 NAG E . -27.87 10.72 -0.20
C1 NAG F . -1.44 -12.87 -11.01
C2 NAG F . -0.17 -13.69 -10.73
C3 NAG F . 0.81 -12.87 -9.89
C4 NAG F . 1.14 -11.57 -10.60
C5 NAG F . -0.15 -10.81 -10.96
C6 NAG F . 0.20 -9.63 -11.85
C7 NAG F . -0.25 -16.14 -10.69
C8 NAG F . 1.16 -16.57 -10.99
N2 NAG F . -0.44 -14.97 -10.08
O3 NAG F . 2.00 -13.61 -9.71
O4 NAG F . 1.99 -10.77 -9.81
O5 NAG F . -1.08 -11.64 -11.63
O6 NAG F . -0.97 -8.90 -12.17
O7 NAG F . -1.18 -16.87 -11.02
C1 NAG G . 1.37 -20.62 -1.64
C2 NAG G . 2.79 -21.20 -1.77
C3 NAG G . 2.97 -21.71 -3.20
C4 NAG G . 1.97 -22.83 -3.47
C5 NAG G . 0.55 -22.41 -3.10
C6 NAG G . -0.35 -23.64 -2.98
C7 NAG G . 4.44 -20.44 -0.15
C8 NAG G . 4.63 -19.19 0.68
N2 NAG G . 3.83 -20.29 -1.33
O3 NAG G . 4.28 -22.22 -3.39
O4 NAG G . 2.07 -23.24 -4.82
O5 NAG G . 0.49 -21.70 -1.86
O6 NAG G . -1.56 -23.48 -3.70
O7 NAG G . 4.85 -21.51 0.26
C1 AGH H . -8.47 1.72 -4.77
C2 AGH H . -9.47 0.58 -4.55
C3 AGH H . -9.54 0.20 -3.07
C4 AGH H . -10.67 -0.78 -2.72
C5 AGH H . -10.47 -2.20 -3.26
C6 AGH H . -11.54 -3.19 -2.82
O3 AGH H . -8.28 -0.31 -2.60
C18 AGH H . -11.20 -11.02 4.72
C17 AGH H . -12.44 -10.16 4.69
C16 AGH H . -12.57 -9.47 3.34
C15 AGH H . -13.98 -9.59 2.79
C14 AGH H . -14.58 -8.23 2.46
C13 AGH H . -14.43 -7.91 0.98
C12 AGH H . -14.77 -6.44 0.74
C11 AGH H . -15.47 -6.21 -0.59
C10 AGH H . -14.46 -5.92 -1.71
C9 AGH H . -14.15 -4.43 -1.83
C8 AGH H . -13.90 -4.02 -3.29
C7 AGH H . -12.90 -2.87 -3.42
O4 AGH H . -10.72 -0.80 -1.30
O1A AGH H . -8.83 2.83 -3.96
C1A AGH H . -7.82 3.84 -3.85
O6A AGH H . -7.69 4.60 -5.07
C5M AGH H . -8.87 5.34 -5.50
C6A AGH H . -8.58 6.06 -6.82
O5A AGH H . -7.86 5.18 -7.69
C4A AGH H . -9.33 6.29 -4.41
O4A AGH H . -8.38 7.35 -4.23
C3A AGH H . -9.52 5.49 -3.12
O3A AGH H . -9.94 6.29 -2.03
C2A AGH H . -8.24 4.78 -2.74
O2A AGH H . -8.51 4.03 -1.54
N2 AGH H . -10.81 1.07 -4.93
CAA AGH H . -11.26 1.20 -6.19
OAA AGH H . -10.59 0.92 -7.16
CAB AGH H . -12.66 1.72 -6.35
CAC AGH H . -13.48 0.89 -7.35
CAD AGH H . -14.07 -0.36 -6.73
CAE AGH H . -14.50 -1.36 -7.81
CAF AGH H . -15.75 -2.14 -7.40
CAG AGH H . -15.65 -3.59 -7.85
CAH AGH H . -16.58 -3.91 -9.02
CAI AGH H . -16.60 -5.42 -9.28
CAJ AGH H . -16.70 -5.76 -10.76
CAK AGH H . -15.97 -7.06 -11.11
CAL AGH H . -14.87 -6.82 -12.15
CAM AGH H . -15.24 -7.43 -13.50
CAN AGH H . -14.33 -6.96 -14.63
CAO AGH H . -15.02 -5.87 -15.43
CAP AGH H . -15.19 -6.26 -16.90
CAQ AGH H . -15.49 -5.04 -17.78
CAR AGH H . -16.98 -4.91 -18.07
CAS AGH H . -17.39 -3.45 -18.22
CAT AGH H . -18.72 -3.19 -17.53
CAU AGH H . -18.67 -1.94 -16.65
CAV AGH H . -19.96 -1.77 -15.86
CAW AGH H . -19.95 -2.59 -14.57
CAX AGH H . -20.18 -1.71 -13.36
CAY AGH H . -20.58 -2.52 -12.13
CAZ AGH H . -19.45 -2.59 -11.13
#